data_2PTR
#
_entry.id   2PTR
#
_cell.length_a   98.400
_cell.length_b   143.190
_cell.length_c   69.450
_cell.angle_alpha   90.00
_cell.angle_beta   90.00
_cell.angle_gamma   90.00
#
_symmetry.space_group_name_H-M   'P 21 21 2'
#
loop_
_entity.id
_entity.type
_entity.pdbx_description
1 polymer 'Adenylosuccinate lyase'
2 non-polymer '2-[9-(3,4-DIHYDROXY-5-PHOSPHONOOXYMETHYL-TETRAHYDRO-FURAN-2-YL)-9H-PURIN-6-YLAMINO]-SUCCINIC ACID'
3 water water
#
_entity_poly.entity_id   1
_entity_poly.type   'polypeptide(L)'
_entity_poly.pdbx_seq_one_letter_code
;MELSSLTAVSPVDGRYGDKVSALRGIFSEYGLLKFRVQVEVRWLQKLAAHAAIKEVPAFAADAIGYLDAIVASFSEEDAA
RIKTIERTTNHDVKAVEYFLKEKVAEIPELHAVSEFIHFACTSEDINNLSHALMLKTARDEVILPYWRQLIDGLKDLAVQ
YRDIPLLSRTAGQPATPSTIGKEMANVAYRMERQYRQLNQVEILGKINGAVGNYNAHIAAYPEVDWHQFSEEFVTSLGIQ
WNPYTTQIEPHDYIAELFDCVARFNTILIDFDRDVWGYIALNHFKQKTIAGEIGSSTMPHKVNPIDFENSEGNLGLSNAV
LQHLASKLPVSRWQRDLTDSTVLRNLGVGIGYALIAYQSTLKGVSKLEVNRDHLLDELDHNWEVLAEPIQTVMRRYGIEK
PYEKLKELTRGKRVDAEGMKQFIDGLALPEEEKARLKAMTPANYIGRAITMVDELKHHHHHH
;
_entity_poly.pdbx_strand_id   A,B
#
loop_
_chem_comp.id
_chem_comp.type
_chem_comp.name
_chem_comp.formula
2SA RNA linking '2-[9-(3,4-DIHYDROXY-5-PHOSPHONOOXYMETHYL-TETRAHYDRO-FURAN-2-YL)-9H-PURIN-6-YLAMINO]-SUCCINIC ACID' 'C14 H18 N5 O11 P'
#
# COMPACT_ATOMS: atom_id res chain seq x y z
N MET A 1 1.86 2.90 23.92
CA MET A 1 1.24 4.25 23.86
C MET A 1 -0.15 4.17 23.23
N GLU A 2 -1.03 5.06 23.67
CA GLU A 2 -2.39 5.12 23.14
C GLU A 2 -2.34 5.74 21.75
N LEU A 3 -3.31 5.38 20.93
CA LEU A 3 -3.39 5.91 19.57
C LEU A 3 -3.79 7.38 19.54
N SER A 4 -3.05 8.16 18.76
CA SER A 4 -3.33 9.57 18.59
C SER A 4 -2.71 9.89 17.25
N SER A 5 -2.94 11.10 16.75
CA SER A 5 -2.39 11.50 15.47
C SER A 5 -0.85 11.38 15.48
N LEU A 6 -0.25 11.70 16.63
CA LEU A 6 1.20 11.63 16.75
C LEU A 6 1.77 10.22 16.79
N THR A 7 1.02 9.28 17.36
CA THR A 7 1.50 7.90 17.48
C THR A 7 1.01 6.93 16.41
N ALA A 8 0.10 7.40 15.55
CA ALA A 8 -0.43 6.56 14.47
C ALA A 8 0.70 6.02 13.60
N VAL A 9 0.64 4.72 13.29
CA VAL A 9 1.65 4.08 12.44
C VAL A 9 1.55 4.65 11.01
N SER A 10 0.33 4.71 10.46
CA SER A 10 0.13 5.23 9.11
C SER A 10 -0.01 6.76 9.09
N PRO A 11 0.68 7.45 8.15
CA PRO A 11 0.56 8.90 8.11
C PRO A 11 -0.78 9.37 7.59
N VAL A 12 -1.57 8.44 7.05
CA VAL A 12 -2.90 8.78 6.55
C VAL A 12 -3.77 9.13 7.77
N ASP A 13 -3.50 8.49 8.90
CA ASP A 13 -4.24 8.77 10.14
C ASP A 13 -3.33 9.59 11.06
N GLY A 14 -2.05 9.66 10.71
CA GLY A 14 -1.10 10.40 11.52
C GLY A 14 -0.87 11.83 11.07
N ARG A 15 0.31 12.08 10.51
CA ARG A 15 0.69 13.41 10.05
C ARG A 15 -0.34 14.09 9.13
N TYR A 16 -0.96 13.32 8.25
CA TYR A 16 -1.93 13.88 7.31
C TYR A 16 -3.39 13.61 7.71
N GLY A 17 -3.59 13.14 8.94
CA GLY A 17 -4.93 12.85 9.41
C GLY A 17 -5.96 13.93 9.15
N ASP A 18 -5.58 15.19 9.36
CA ASP A 18 -6.49 16.31 9.14
C ASP A 18 -6.80 16.55 7.67
N LYS A 19 -6.05 15.91 6.78
CA LYS A 19 -6.27 16.09 5.35
C LYS A 19 -7.29 15.10 4.80
N VAL A 20 -7.62 14.08 5.58
CA VAL A 20 -8.54 13.07 5.10
C VAL A 20 -9.68 12.77 6.07
N SER A 21 -10.00 13.74 6.93
CA SER A 21 -11.04 13.54 7.93
C SER A 21 -12.38 13.06 7.38
N ALA A 22 -12.73 13.48 6.17
CA ALA A 22 -14.00 13.03 5.58
C ALA A 22 -14.02 11.50 5.45
N LEU A 23 -12.84 10.92 5.20
CA LEU A 23 -12.77 9.47 5.04
C LEU A 23 -13.03 8.69 6.34
N ARG A 24 -12.88 9.35 7.49
CA ARG A 24 -13.10 8.68 8.78
C ARG A 24 -14.55 8.28 8.99
N GLY A 25 -15.48 8.95 8.31
CA GLY A 25 -16.87 8.60 8.44
C GLY A 25 -17.31 7.66 7.33
N ILE A 26 -16.36 7.25 6.49
CA ILE A 26 -16.69 6.38 5.36
C ILE A 26 -16.02 5.01 5.34
N PHE A 27 -14.69 5.00 5.25
CA PHE A 27 -13.93 3.75 5.14
C PHE A 27 -13.42 3.09 6.41
N SER A 28 -13.49 3.80 7.54
CA SER A 28 -13.05 3.30 8.83
C SER A 28 -13.97 2.16 9.28
N GLU A 29 -13.67 1.56 10.42
CA GLU A 29 -14.54 0.49 10.90
C GLU A 29 -15.88 1.13 11.32
N TYR A 30 -15.81 2.36 11.82
CA TYR A 30 -17.03 3.08 12.20
C TYR A 30 -17.90 3.26 10.94
N GLY A 31 -17.25 3.63 9.84
CA GLY A 31 -17.97 3.83 8.59
C GLY A 31 -18.60 2.54 8.08
N LEU A 32 -17.83 1.45 8.10
CA LEU A 32 -18.32 0.15 7.67
C LEU A 32 -19.52 -0.26 8.51
N LEU A 33 -19.41 -0.10 9.82
CA LEU A 33 -20.52 -0.47 10.71
C LEU A 33 -21.73 0.44 10.44
N LYS A 34 -21.48 1.72 10.23
CA LYS A 34 -22.57 2.65 9.95
C LYS A 34 -23.38 2.22 8.73
N PHE A 35 -22.69 1.91 7.63
CA PHE A 35 -23.39 1.49 6.41
C PHE A 35 -24.04 0.12 6.56
N ARG A 36 -23.42 -0.76 7.33
CA ARG A 36 -24.00 -2.08 7.57
C ARG A 36 -25.35 -1.90 8.26
N VAL A 37 -25.40 -0.95 9.18
CA VAL A 37 -26.63 -0.65 9.91
C VAL A 37 -27.68 -0.12 8.95
N GLN A 38 -27.27 0.77 8.05
CA GLN A 38 -28.20 1.34 7.08
C GLN A 38 -28.82 0.21 6.25
N VAL A 39 -27.97 -0.68 5.76
CA VAL A 39 -28.46 -1.79 4.94
C VAL A 39 -29.41 -2.72 5.71
N GLU A 40 -29.02 -3.13 6.91
CA GLU A 40 -29.86 -4.02 7.72
C GLU A 40 -31.23 -3.37 7.96
N VAL A 41 -31.21 -2.07 8.27
CA VAL A 41 -32.46 -1.36 8.51
C VAL A 41 -33.35 -1.31 7.27
N ARG A 42 -32.78 -0.95 6.12
CA ARG A 42 -33.56 -0.88 4.89
C ARG A 42 -34.12 -2.26 4.50
N TRP A 43 -33.35 -3.31 4.79
CA TRP A 43 -33.80 -4.66 4.46
C TRP A 43 -35.06 -4.97 5.27
N LEU A 44 -35.02 -4.72 6.57
CA LEU A 44 -36.18 -4.98 7.43
C LEU A 44 -37.37 -4.15 6.94
N GLN A 45 -37.11 -2.89 6.60
CA GLN A 45 -38.17 -2.00 6.12
C GLN A 45 -38.80 -2.54 4.83
N LYS A 46 -38.01 -3.15 3.96
CA LYS A 46 -38.59 -3.67 2.73
C LYS A 46 -39.44 -4.91 3.04
N LEU A 47 -39.01 -5.74 3.99
CA LEU A 47 -39.77 -6.93 4.35
C LEU A 47 -41.14 -6.49 4.85
N ALA A 48 -41.14 -5.46 5.69
CA ALA A 48 -42.38 -4.93 6.25
C ALA A 48 -43.32 -4.43 5.17
N ALA A 49 -42.79 -3.65 4.23
CA ALA A 49 -43.58 -3.11 3.15
C ALA A 49 -44.06 -4.16 2.14
N HIS A 50 -43.42 -5.32 2.13
CA HIS A 50 -43.83 -6.36 1.18
C HIS A 50 -45.07 -7.09 1.70
N ALA A 51 -46.19 -6.92 0.99
CA ALA A 51 -47.46 -7.52 1.39
C ALA A 51 -47.46 -9.05 1.51
N ALA A 52 -46.67 -9.73 0.69
CA ALA A 52 -46.63 -11.19 0.74
C ALA A 52 -45.90 -11.72 1.97
N ILE A 53 -45.14 -10.85 2.64
CA ILE A 53 -44.44 -11.25 3.84
C ILE A 53 -45.27 -10.72 5.01
N LYS A 54 -46.31 -11.47 5.35
CA LYS A 54 -47.24 -11.10 6.39
C LYS A 54 -46.69 -11.12 7.81
N GLU A 55 -45.63 -11.90 8.02
CA GLU A 55 -45.03 -12.00 9.34
C GLU A 55 -44.34 -10.70 9.74
N VAL A 56 -44.21 -9.79 8.79
CA VAL A 56 -43.61 -8.49 9.06
C VAL A 56 -44.60 -7.49 8.49
N PRO A 57 -45.60 -7.11 9.29
CA PRO A 57 -46.61 -6.14 8.81
C PRO A 57 -46.00 -4.78 8.51
N ALA A 58 -46.69 -3.98 7.70
CA ALA A 58 -46.21 -2.66 7.35
C ALA A 58 -46.01 -1.86 8.63
N PHE A 59 -44.92 -1.09 8.67
CA PHE A 59 -44.58 -0.28 9.83
C PHE A 59 -45.31 1.05 9.81
N ALA A 60 -45.72 1.54 10.98
CA ALA A 60 -46.41 2.82 11.08
C ALA A 60 -45.34 3.92 11.01
N ALA A 61 -45.77 5.15 10.75
CA ALA A 61 -44.85 6.29 10.62
C ALA A 61 -43.82 6.51 11.72
N ASP A 62 -44.20 6.34 12.98
CA ASP A 62 -43.26 6.56 14.08
C ASP A 62 -42.16 5.51 14.17
N ALA A 63 -42.51 4.26 13.85
CA ALA A 63 -41.54 3.17 13.89
C ALA A 63 -40.55 3.37 12.73
N ILE A 64 -41.07 3.77 11.58
CA ILE A 64 -40.20 4.02 10.43
C ILE A 64 -39.24 5.14 10.82
N GLY A 65 -39.79 6.15 11.51
CA GLY A 65 -38.98 7.26 11.96
C GLY A 65 -37.91 6.84 12.94
N TYR A 66 -38.25 5.89 13.81
CA TYR A 66 -37.31 5.39 14.80
C TYR A 66 -36.18 4.64 14.09
N LEU A 67 -36.54 3.86 13.07
CA LEU A 67 -35.52 3.11 12.33
C LEU A 67 -34.63 4.07 11.56
N ASP A 68 -35.22 5.10 10.96
CA ASP A 68 -34.44 6.07 10.20
C ASP A 68 -33.47 6.84 11.09
N ALA A 69 -33.87 7.09 12.34
CA ALA A 69 -33.00 7.81 13.27
C ALA A 69 -31.81 6.92 13.65
N ILE A 70 -32.05 5.63 13.74
CA ILE A 70 -30.98 4.68 14.07
C ILE A 70 -29.90 4.81 13.00
N VAL A 71 -30.34 4.89 11.74
CA VAL A 71 -29.44 5.01 10.60
C VAL A 71 -28.75 6.37 10.60
N ALA A 72 -29.54 7.43 10.56
CA ALA A 72 -29.02 8.79 10.51
C ALA A 72 -28.18 9.24 11.71
N SER A 73 -28.52 8.80 12.91
CA SER A 73 -27.77 9.23 14.09
C SER A 73 -26.69 8.27 14.57
N PHE A 74 -26.44 7.20 13.83
CA PHE A 74 -25.42 6.22 14.22
C PHE A 74 -24.18 6.92 14.74
N SER A 75 -23.79 6.58 15.96
CA SER A 75 -22.65 7.22 16.62
C SER A 75 -21.45 6.32 16.90
N GLU A 76 -20.37 6.93 17.38
CA GLU A 76 -19.16 6.18 17.72
C GLU A 76 -19.50 5.30 18.90
N GLU A 77 -20.43 5.78 19.71
CA GLU A 77 -20.88 5.05 20.89
C GLU A 77 -21.60 3.79 20.43
N ASP A 78 -22.47 3.92 19.44
CA ASP A 78 -23.20 2.78 18.88
C ASP A 78 -22.16 1.79 18.34
N ALA A 79 -21.19 2.32 17.59
CA ALA A 79 -20.13 1.51 17.00
C ALA A 79 -19.38 0.79 18.11
N ALA A 80 -19.12 1.50 19.21
CA ALA A 80 -18.40 0.90 20.32
C ALA A 80 -19.21 -0.26 20.94
N ARG A 81 -20.54 -0.11 20.97
CA ARG A 81 -21.38 -1.17 21.50
C ARG A 81 -21.27 -2.41 20.61
N ILE A 82 -21.26 -2.22 19.30
CA ILE A 82 -21.13 -3.33 18.37
C ILE A 82 -19.80 -4.07 18.60
N LYS A 83 -18.74 -3.30 18.80
CA LYS A 83 -17.41 -3.89 19.04
C LYS A 83 -17.42 -4.69 20.35
N THR A 84 -18.18 -4.21 21.33
CA THR A 84 -18.27 -4.91 22.60
C THR A 84 -18.93 -6.27 22.35
N ILE A 85 -20.04 -6.26 21.62
CA ILE A 85 -20.76 -7.48 21.29
C ILE A 85 -19.87 -8.42 20.47
N GLU A 86 -19.11 -7.86 19.54
CA GLU A 86 -18.24 -8.67 18.71
C GLU A 86 -17.18 -9.43 19.51
N ARG A 87 -16.87 -8.95 20.72
CA ARG A 87 -15.87 -9.61 21.55
C ARG A 87 -16.37 -11.01 21.93
N THR A 88 -17.68 -11.19 21.91
CA THR A 88 -18.28 -12.49 22.21
C THR A 88 -18.45 -13.34 20.95
N THR A 89 -19.07 -12.77 19.92
CA THR A 89 -19.32 -13.50 18.68
C THR A 89 -18.14 -13.75 17.75
N ASN A 90 -17.12 -12.91 17.82
CA ASN A 90 -15.96 -13.01 16.92
C ASN A 90 -16.51 -13.00 15.51
N HIS A 91 -17.59 -12.25 15.30
CA HIS A 91 -18.23 -12.12 14.00
C HIS A 91 -18.84 -10.74 13.99
N ASP A 92 -18.28 -9.85 13.15
CA ASP A 92 -18.73 -8.48 13.11
C ASP A 92 -20.16 -8.23 12.62
N VAL A 93 -20.57 -8.88 11.53
CA VAL A 93 -21.93 -8.67 11.05
C VAL A 93 -22.97 -9.20 12.03
N LYS A 94 -22.66 -10.32 12.69
CA LYS A 94 -23.60 -10.87 13.67
C LYS A 94 -23.75 -9.87 14.84
N ALA A 95 -22.67 -9.19 15.19
CA ALA A 95 -22.71 -8.20 16.28
C ALA A 95 -23.62 -7.05 15.89
N VAL A 96 -23.61 -6.68 14.61
CA VAL A 96 -24.47 -5.60 14.12
C VAL A 96 -25.93 -6.05 14.28
N GLU A 97 -26.19 -7.32 13.97
CA GLU A 97 -27.53 -7.88 14.07
C GLU A 97 -28.02 -7.75 15.52
N TYR A 98 -27.18 -8.16 16.47
CA TYR A 98 -27.54 -8.08 17.89
C TYR A 98 -27.72 -6.63 18.33
N PHE A 99 -26.87 -5.74 17.83
CA PHE A 99 -26.95 -4.31 18.17
C PHE A 99 -28.33 -3.77 17.79
N LEU A 100 -28.78 -4.10 16.59
CA LEU A 100 -30.08 -3.64 16.11
C LEU A 100 -31.23 -4.22 16.92
N LYS A 101 -31.15 -5.50 17.26
CA LYS A 101 -32.20 -6.12 18.06
C LYS A 101 -32.31 -5.37 19.39
N GLU A 102 -31.17 -4.98 19.94
CA GLU A 102 -31.14 -4.23 21.21
C GLU A 102 -31.77 -2.86 21.05
N LYS A 103 -31.46 -2.20 19.94
CA LYS A 103 -31.99 -0.87 19.67
C LYS A 103 -33.50 -0.78 19.45
N VAL A 104 -34.09 -1.82 18.86
CA VAL A 104 -35.52 -1.79 18.58
C VAL A 104 -36.38 -2.41 19.68
N ALA A 105 -35.74 -3.01 20.67
CA ALA A 105 -36.46 -3.66 21.77
C ALA A 105 -37.49 -2.78 22.47
N GLU A 106 -37.25 -1.47 22.52
CA GLU A 106 -38.18 -0.57 23.19
C GLU A 106 -39.45 -0.24 22.41
N ILE A 107 -39.41 -0.39 21.08
CA ILE A 107 -40.58 -0.14 20.24
C ILE A 107 -41.24 -1.49 20.00
N PRO A 108 -42.40 -1.74 20.64
CA PRO A 108 -43.11 -3.01 20.47
C PRO A 108 -43.33 -3.46 19.03
N GLU A 109 -43.67 -2.51 18.17
CA GLU A 109 -43.90 -2.79 16.76
C GLU A 109 -42.65 -3.43 16.15
N LEU A 110 -41.50 -2.82 16.41
CA LEU A 110 -40.23 -3.31 15.89
C LEU A 110 -39.76 -4.53 16.65
N HIS A 111 -39.86 -4.47 17.98
CA HIS A 111 -39.42 -5.59 18.81
C HIS A 111 -40.13 -6.88 18.39
N ALA A 112 -41.41 -6.77 18.03
CA ALA A 112 -42.21 -7.93 17.62
C ALA A 112 -41.67 -8.62 16.38
N VAL A 113 -40.90 -7.92 15.55
CA VAL A 113 -40.35 -8.53 14.35
C VAL A 113 -38.81 -8.50 14.34
N SER A 114 -38.20 -8.35 15.52
CA SER A 114 -36.75 -8.30 15.60
C SER A 114 -36.08 -9.55 15.04
N GLU A 115 -36.77 -10.69 15.10
CA GLU A 115 -36.20 -11.91 14.58
C GLU A 115 -36.07 -11.89 13.06
N PHE A 116 -36.72 -10.94 12.40
CA PHE A 116 -36.64 -10.84 10.96
C PHE A 116 -35.50 -9.95 10.50
N ILE A 117 -34.80 -9.37 11.47
CA ILE A 117 -33.62 -8.56 11.15
C ILE A 117 -32.64 -9.57 10.54
N HIS A 118 -32.05 -9.22 9.40
CA HIS A 118 -31.08 -10.07 8.69
C HIS A 118 -31.75 -11.32 8.09
N PHE A 119 -33.06 -11.31 7.95
CA PHE A 119 -33.76 -12.49 7.44
C PHE A 119 -33.22 -13.05 6.12
N ALA A 120 -32.83 -14.33 6.15
CA ALA A 120 -32.32 -15.03 4.98
C ALA A 120 -31.01 -14.49 4.41
N CYS A 121 -30.47 -13.46 5.02
CA CYS A 121 -29.23 -12.84 4.55
C CYS A 121 -27.95 -13.56 4.95
N THR A 122 -26.93 -13.40 4.12
CA THR A 122 -25.62 -13.94 4.45
C THR A 122 -24.86 -12.64 4.74
N SER A 123 -23.79 -12.71 5.53
CA SER A 123 -23.02 -11.52 5.88
C SER A 123 -22.62 -10.65 4.69
N GLU A 124 -22.16 -11.28 3.62
CA GLU A 124 -21.74 -10.51 2.45
C GLU A 124 -22.87 -9.73 1.78
N ASP A 125 -24.11 -10.14 1.99
CA ASP A 125 -25.22 -9.38 1.41
C ASP A 125 -25.16 -7.98 2.02
N ILE A 126 -24.80 -7.92 3.29
CA ILE A 126 -24.70 -6.65 4.01
C ILE A 126 -23.38 -5.95 3.70
N ASN A 127 -22.28 -6.69 3.74
CA ASN A 127 -20.97 -6.12 3.44
C ASN A 127 -20.84 -5.48 2.05
N ASN A 128 -21.25 -6.20 1.00
CA ASN A 128 -21.08 -5.67 -0.34
C ASN A 128 -21.84 -4.39 -0.59
N LEU A 129 -23.04 -4.28 -0.02
CA LEU A 129 -23.83 -3.08 -0.20
C LEU A 129 -23.21 -1.94 0.61
N SER A 130 -22.55 -2.28 1.71
CA SER A 130 -21.89 -1.26 2.52
C SER A 130 -20.69 -0.72 1.72
N HIS A 131 -19.90 -1.62 1.14
CA HIS A 131 -18.74 -1.21 0.35
C HIS A 131 -19.18 -0.34 -0.83
N ALA A 132 -20.29 -0.71 -1.46
CA ALA A 132 -20.82 0.07 -2.60
C ALA A 132 -21.16 1.50 -2.15
N LEU A 133 -21.84 1.61 -1.01
CA LEU A 133 -22.24 2.91 -0.46
C LEU A 133 -21.01 3.72 -0.08
N MET A 134 -20.02 3.05 0.49
CA MET A 134 -18.79 3.72 0.87
C MET A 134 -18.09 4.30 -0.34
N LEU A 135 -17.97 3.51 -1.40
CA LEU A 135 -17.29 3.96 -2.61
C LEU A 135 -18.09 5.04 -3.33
N LYS A 136 -19.41 4.88 -3.38
CA LYS A 136 -20.22 5.88 -4.05
C LYS A 136 -20.14 7.21 -3.30
N THR A 137 -20.20 7.16 -1.98
CA THR A 137 -20.13 8.35 -1.16
C THR A 137 -18.79 9.05 -1.40
N ALA A 138 -17.71 8.26 -1.33
CA ALA A 138 -16.37 8.79 -1.55
C ALA A 138 -16.25 9.42 -2.93
N ARG A 139 -16.74 8.73 -3.96
CA ARG A 139 -16.65 9.30 -5.30
C ARG A 139 -17.40 10.61 -5.46
N ASP A 140 -18.69 10.61 -5.15
CA ASP A 140 -19.51 11.79 -5.32
C ASP A 140 -19.30 12.96 -4.38
N GLU A 141 -18.94 12.66 -3.14
CA GLU A 141 -18.74 13.73 -2.16
C GLU A 141 -17.29 14.14 -1.94
N VAL A 142 -16.36 13.25 -2.24
CA VAL A 142 -14.95 13.55 -1.99
C VAL A 142 -14.02 13.57 -3.19
N ILE A 143 -13.88 12.43 -3.86
CA ILE A 143 -12.98 12.32 -5.00
C ILE A 143 -13.27 13.29 -6.14
N LEU A 144 -14.49 13.24 -6.68
CA LEU A 144 -14.85 14.11 -7.80
C LEU A 144 -14.72 15.61 -7.49
N PRO A 145 -14.99 16.03 -6.24
CA PRO A 145 -14.85 17.46 -5.99
C PRO A 145 -13.37 17.89 -6.03
N TYR A 146 -12.46 17.02 -5.60
CA TYR A 146 -11.05 17.39 -5.67
C TYR A 146 -10.58 17.39 -7.12
N TRP A 147 -11.11 16.47 -7.92
CA TRP A 147 -10.76 16.38 -9.33
C TRP A 147 -11.24 17.63 -10.07
N ARG A 148 -12.43 18.11 -9.70
CA ARG A 148 -12.95 19.32 -10.33
C ARG A 148 -12.08 20.52 -9.94
N GLN A 149 -11.62 20.53 -8.70
CA GLN A 149 -10.75 21.62 -8.23
C GLN A 149 -9.43 21.61 -9.00
N LEU A 150 -8.87 20.42 -9.21
CA LEU A 150 -7.61 20.30 -9.96
C LEU A 150 -7.81 20.72 -11.41
N ILE A 151 -8.87 20.22 -12.03
CA ILE A 151 -9.19 20.55 -13.41
C ILE A 151 -9.40 22.05 -13.61
N ASP A 152 -10.21 22.65 -12.74
CA ASP A 152 -10.47 24.09 -12.83
C ASP A 152 -9.20 24.85 -12.53
N GLY A 153 -8.40 24.30 -11.62
CA GLY A 153 -7.14 24.93 -11.28
C GLY A 153 -6.25 24.98 -12.51
N LEU A 154 -6.13 23.86 -13.20
CA LEU A 154 -5.31 23.78 -14.41
C LEU A 154 -5.86 24.69 -15.52
N LYS A 155 -7.19 24.75 -15.65
CA LYS A 155 -7.79 25.59 -16.68
C LYS A 155 -7.50 27.06 -16.38
N ASP A 156 -7.50 27.43 -15.09
CA ASP A 156 -7.21 28.81 -14.71
C ASP A 156 -5.78 29.14 -15.08
N LEU A 157 -4.86 28.21 -14.87
CA LEU A 157 -3.45 28.43 -15.22
C LEU A 157 -3.29 28.54 -16.73
N ALA A 158 -4.03 27.71 -17.46
CA ALA A 158 -3.97 27.73 -18.92
C ALA A 158 -4.35 29.12 -19.44
N VAL A 159 -5.49 29.62 -18.96
CA VAL A 159 -5.99 30.95 -19.38
C VAL A 159 -5.02 32.04 -18.94
N GLN A 160 -4.61 32.00 -17.69
CA GLN A 160 -3.70 33.00 -17.16
C GLN A 160 -2.37 33.05 -17.92
N TYR A 161 -1.87 31.88 -18.34
CA TYR A 161 -0.59 31.82 -19.05
C TYR A 161 -0.71 31.50 -20.54
N ARG A 162 -1.90 31.71 -21.09
CA ARG A 162 -2.18 31.42 -22.49
C ARG A 162 -1.17 31.91 -23.53
N ASP A 163 -0.64 33.12 -23.33
CA ASP A 163 0.28 33.68 -24.30
C ASP A 163 1.73 33.78 -23.86
N ILE A 164 2.07 33.12 -22.76
CA ILE A 164 3.44 33.15 -22.28
C ILE A 164 4.21 32.05 -23.01
N PRO A 165 5.11 32.43 -23.93
CA PRO A 165 5.90 31.47 -24.69
C PRO A 165 6.85 30.65 -23.84
N LEU A 166 7.11 29.43 -24.30
CA LEU A 166 8.00 28.52 -23.61
C LEU A 166 8.87 27.76 -24.61
N LEU A 167 10.14 27.59 -24.28
CA LEU A 167 11.04 26.81 -25.12
C LEU A 167 10.70 25.37 -24.69
N SER A 168 10.05 24.63 -25.57
CA SER A 168 9.67 23.27 -25.29
C SER A 168 10.91 22.40 -25.12
N ARG A 169 10.76 21.29 -24.43
CA ARG A 169 11.87 20.36 -24.22
C ARG A 169 11.43 18.96 -24.62
N THR A 170 12.05 18.39 -25.65
CA THR A 170 11.75 17.02 -26.06
C THR A 170 13.06 16.25 -25.90
N ALA A 171 13.00 15.15 -25.15
CA ALA A 171 14.19 14.37 -24.85
C ALA A 171 15.05 15.30 -24.00
N GLY A 172 14.39 16.25 -23.35
CA GLY A 172 15.05 17.22 -22.48
C GLY A 172 15.78 18.35 -23.21
N GLN A 173 15.76 18.32 -24.53
CA GLN A 173 16.45 19.32 -25.36
C GLN A 173 15.59 20.43 -25.95
N PRO A 174 16.18 21.63 -26.15
CA PRO A 174 15.46 22.78 -26.72
C PRO A 174 14.72 22.35 -27.98
N ALA A 175 13.42 22.65 -28.03
CA ALA A 175 12.60 22.26 -29.17
C ALA A 175 11.57 23.34 -29.51
N THR A 176 10.79 23.07 -30.56
CA THR A 176 9.75 23.98 -31.05
C THR A 176 8.95 24.59 -29.90
N PRO A 177 8.88 25.93 -29.83
CA PRO A 177 8.13 26.63 -28.78
C PRO A 177 6.64 26.33 -28.66
N SER A 178 6.12 26.58 -27.47
CA SER A 178 4.70 26.40 -27.14
C SER A 178 4.47 27.55 -26.15
N THR A 179 3.39 27.49 -25.39
CA THR A 179 3.17 28.51 -24.37
C THR A 179 2.89 27.77 -23.07
N ILE A 180 3.17 28.40 -21.95
CA ILE A 180 2.92 27.78 -20.65
C ILE A 180 1.45 27.36 -20.60
N GLY A 181 0.56 28.26 -21.02
CA GLY A 181 -0.86 27.97 -21.02
C GLY A 181 -1.25 26.71 -21.78
N LYS A 182 -0.70 26.54 -22.98
CA LYS A 182 -1.02 25.36 -23.77
C LYS A 182 -0.60 24.09 -23.03
N GLU A 183 0.57 24.13 -22.39
CA GLU A 183 1.04 22.95 -21.66
C GLU A 183 0.15 22.62 -20.47
N MET A 184 -0.52 23.64 -19.93
CA MET A 184 -1.43 23.43 -18.81
C MET A 184 -2.73 22.85 -19.38
N ALA A 185 -3.17 23.41 -20.50
CA ALA A 185 -4.41 22.95 -21.14
C ALA A 185 -4.33 21.45 -21.47
N ASN A 186 -3.16 20.99 -21.87
CA ASN A 186 -3.02 19.56 -22.20
C ASN A 186 -3.37 18.67 -21.02
N VAL A 187 -2.96 19.11 -19.82
CA VAL A 187 -3.21 18.35 -18.60
C VAL A 187 -4.69 18.35 -18.20
N ALA A 188 -5.32 19.52 -18.26
CA ALA A 188 -6.72 19.64 -17.90
C ALA A 188 -7.59 18.76 -18.80
N TYR A 189 -7.22 18.69 -20.08
CA TYR A 189 -7.98 17.88 -21.02
C TYR A 189 -7.90 16.41 -20.63
N ARG A 190 -6.70 15.94 -20.28
CA ARG A 190 -6.51 14.55 -19.87
C ARG A 190 -7.26 14.25 -18.57
N MET A 191 -7.22 15.19 -17.63
CA MET A 191 -7.90 14.98 -16.35
C MET A 191 -9.40 14.86 -16.56
N GLU A 192 -9.92 15.67 -17.48
CA GLU A 192 -11.34 15.68 -17.79
C GLU A 192 -11.80 14.35 -18.35
N ARG A 193 -10.98 13.74 -19.18
CA ARG A 193 -11.31 12.44 -19.75
C ARG A 193 -11.49 11.43 -18.62
N GLN A 194 -10.58 11.44 -17.65
CA GLN A 194 -10.67 10.49 -16.53
C GLN A 194 -11.86 10.84 -15.62
N TYR A 195 -12.13 12.12 -15.47
CA TYR A 195 -13.24 12.55 -14.64
C TYR A 195 -14.53 11.94 -15.20
N ARG A 196 -14.74 12.11 -16.50
CA ARG A 196 -15.92 11.55 -17.15
C ARG A 196 -15.96 10.03 -16.94
N GLN A 197 -14.80 9.39 -17.05
CA GLN A 197 -14.73 7.94 -16.87
C GLN A 197 -15.07 7.49 -15.45
N LEU A 198 -14.49 8.14 -14.44
CA LEU A 198 -14.78 7.75 -13.06
C LEU A 198 -16.27 7.91 -12.76
N ASN A 199 -16.86 8.98 -13.30
CA ASN A 199 -18.27 9.25 -13.08
C ASN A 199 -19.16 8.19 -13.73
N GLN A 200 -18.67 7.59 -14.81
CA GLN A 200 -19.43 6.56 -15.54
C GLN A 200 -19.25 5.14 -15.00
N VAL A 201 -18.30 4.95 -14.10
CA VAL A 201 -18.06 3.62 -13.55
C VAL A 201 -19.28 3.15 -12.78
N GLU A 202 -19.67 1.90 -12.98
CA GLU A 202 -20.82 1.35 -12.29
C GLU A 202 -20.43 0.95 -10.88
N ILE A 203 -21.31 1.22 -9.92
CA ILE A 203 -21.04 0.83 -8.54
C ILE A 203 -22.09 -0.24 -8.31
N LEU A 204 -21.63 -1.48 -8.25
CA LEU A 204 -22.50 -2.64 -8.13
C LEU A 204 -22.78 -3.20 -6.74
N GLY A 205 -23.97 -3.76 -6.59
CA GLY A 205 -24.36 -4.34 -5.31
C GLY A 205 -25.24 -5.54 -5.55
N LYS A 206 -25.25 -6.45 -4.59
CA LYS A 206 -26.07 -7.66 -4.72
C LYS A 206 -26.66 -8.07 -3.38
N ILE A 207 -27.67 -8.94 -3.44
CA ILE A 207 -28.28 -9.49 -2.24
C ILE A 207 -29.00 -10.74 -2.73
N ASN A 208 -28.50 -11.90 -2.33
CA ASN A 208 -29.06 -13.15 -2.80
C ASN A 208 -28.70 -14.38 -1.98
N GLY A 209 -28.35 -14.16 -0.71
CA GLY A 209 -28.04 -15.29 0.15
C GLY A 209 -26.64 -15.87 0.13
N ALA A 210 -26.49 -16.92 0.92
CA ALA A 210 -25.23 -17.64 1.14
C ALA A 210 -24.28 -17.83 -0.03
N VAL A 211 -24.80 -18.29 -1.17
CA VAL A 211 -23.97 -18.52 -2.35
C VAL A 211 -24.53 -17.90 -3.63
N GLY A 212 -25.52 -17.03 -3.49
CA GLY A 212 -26.10 -16.35 -4.64
C GLY A 212 -27.36 -16.89 -5.30
N ASN A 213 -27.98 -17.91 -4.71
CA ASN A 213 -29.18 -18.50 -5.31
C ASN A 213 -30.49 -18.34 -4.53
N TYR A 214 -30.46 -17.50 -3.48
CA TYR A 214 -31.65 -17.25 -2.65
C TYR A 214 -32.19 -18.53 -2.01
N ASN A 215 -31.32 -19.52 -1.79
CA ASN A 215 -31.74 -20.80 -1.21
C ASN A 215 -32.60 -20.63 0.03
N ALA A 216 -32.09 -19.88 1.00
CA ALA A 216 -32.80 -19.65 2.26
C ALA A 216 -34.11 -18.89 2.10
N HIS A 217 -34.10 -17.86 1.26
CA HIS A 217 -35.30 -17.07 1.02
C HIS A 217 -36.43 -17.92 0.47
N ILE A 218 -36.13 -18.69 -0.57
CA ILE A 218 -37.08 -19.55 -1.24
C ILE A 218 -37.60 -20.67 -0.34
N ALA A 219 -36.75 -21.14 0.57
CA ALA A 219 -37.13 -22.20 1.49
C ALA A 219 -38.23 -21.73 2.43
N ALA A 220 -38.13 -20.49 2.91
CA ALA A 220 -39.14 -19.96 3.83
C ALA A 220 -40.32 -19.30 3.11
N TYR A 221 -40.01 -18.57 2.04
CA TYR A 221 -41.03 -17.87 1.26
C TYR A 221 -40.91 -18.23 -0.22
N PRO A 222 -41.32 -19.46 -0.58
CA PRO A 222 -41.26 -19.91 -1.97
C PRO A 222 -42.20 -19.18 -2.91
N GLU A 223 -43.16 -18.45 -2.36
CA GLU A 223 -44.13 -17.73 -3.18
C GLU A 223 -43.67 -16.31 -3.54
N VAL A 224 -42.62 -15.84 -2.88
CA VAL A 224 -42.09 -14.51 -3.14
C VAL A 224 -41.03 -14.55 -4.24
N ASP A 225 -41.06 -13.54 -5.11
CA ASP A 225 -40.08 -13.45 -6.20
C ASP A 225 -38.87 -12.71 -5.65
N TRP A 226 -37.96 -13.46 -5.06
CA TRP A 226 -36.77 -12.88 -4.47
C TRP A 226 -35.80 -12.24 -5.47
N HIS A 227 -35.85 -12.66 -6.72
CA HIS A 227 -34.97 -12.10 -7.73
C HIS A 227 -35.41 -10.65 -7.98
N GLN A 228 -36.72 -10.44 -8.00
CA GLN A 228 -37.27 -9.10 -8.19
C GLN A 228 -37.00 -8.29 -6.92
N PHE A 229 -37.23 -8.93 -5.78
CA PHE A 229 -37.03 -8.32 -4.47
C PHE A 229 -35.59 -7.80 -4.38
N SER A 230 -34.65 -8.63 -4.85
CA SER A 230 -33.23 -8.29 -4.83
C SER A 230 -32.93 -7.04 -5.66
N GLU A 231 -33.38 -7.04 -6.90
CA GLU A 231 -33.14 -5.91 -7.78
C GLU A 231 -33.73 -4.61 -7.23
N GLU A 232 -34.95 -4.68 -6.68
CA GLU A 232 -35.58 -3.49 -6.14
C GLU A 232 -34.81 -2.95 -4.93
N PHE A 233 -34.37 -3.86 -4.07
CA PHE A 233 -33.65 -3.45 -2.88
C PHE A 233 -32.34 -2.75 -3.19
N VAL A 234 -31.50 -3.37 -4.02
CA VAL A 234 -30.23 -2.78 -4.36
C VAL A 234 -30.39 -1.42 -5.04
N THR A 235 -31.34 -1.33 -5.98
CA THR A 235 -31.56 -0.07 -6.65
C THR A 235 -32.17 0.99 -5.72
N SER A 236 -32.92 0.55 -4.71
CA SER A 236 -33.52 1.51 -3.77
C SER A 236 -32.42 2.21 -2.99
N LEU A 237 -31.27 1.56 -2.87
CA LEU A 237 -30.14 2.12 -2.14
C LEU A 237 -29.34 3.06 -3.03
N GLY A 238 -29.75 3.18 -4.29
CA GLY A 238 -29.04 4.04 -5.22
C GLY A 238 -27.84 3.33 -5.81
N ILE A 239 -27.82 2.00 -5.70
CA ILE A 239 -26.73 1.18 -6.22
C ILE A 239 -27.21 0.39 -7.43
N GLN A 240 -26.31 0.07 -8.35
CA GLN A 240 -26.68 -0.69 -9.54
C GLN A 240 -26.63 -2.18 -9.23
N TRP A 241 -27.64 -2.91 -9.71
CA TRP A 241 -27.78 -4.34 -9.46
C TRP A 241 -26.84 -5.28 -10.21
N ASN A 242 -26.29 -6.24 -9.46
CA ASN A 242 -25.40 -7.26 -10.01
C ASN A 242 -26.14 -8.56 -9.70
N PRO A 243 -26.93 -9.06 -10.67
CA PRO A 243 -27.72 -10.29 -10.50
C PRO A 243 -27.00 -11.63 -10.36
N TYR A 244 -25.77 -11.72 -10.87
CA TYR A 244 -25.03 -12.98 -10.80
C TYR A 244 -23.78 -12.88 -9.92
N THR A 245 -23.81 -13.55 -8.77
CA THR A 245 -22.65 -13.53 -7.87
C THR A 245 -22.61 -14.84 -7.11
N THR A 246 -21.52 -15.06 -6.36
CA THR A 246 -21.40 -16.24 -5.51
C THR A 246 -21.75 -15.67 -4.13
N GLN A 247 -21.04 -16.06 -3.08
CA GLN A 247 -21.34 -15.49 -1.78
C GLN A 247 -20.98 -14.00 -1.80
N ILE A 248 -19.91 -13.67 -2.51
CA ILE A 248 -19.49 -12.28 -2.60
C ILE A 248 -19.84 -11.60 -3.92
N GLU A 249 -19.87 -10.28 -3.89
CA GLU A 249 -20.06 -9.48 -5.10
C GLU A 249 -18.61 -9.65 -5.59
N PRO A 250 -18.41 -10.05 -6.86
CA PRO A 250 -17.07 -10.28 -7.42
C PRO A 250 -15.97 -9.21 -7.36
N HIS A 251 -16.35 -7.96 -7.12
CA HIS A 251 -15.42 -6.83 -7.00
C HIS A 251 -14.83 -6.27 -8.30
N ASP A 252 -15.35 -6.69 -9.46
CA ASP A 252 -14.82 -6.17 -10.72
C ASP A 252 -14.96 -4.66 -10.82
N TYR A 253 -16.08 -4.12 -10.35
CA TYR A 253 -16.29 -2.67 -10.43
C TYR A 253 -15.31 -1.90 -9.53
N ILE A 254 -14.85 -2.52 -8.45
CA ILE A 254 -13.90 -1.84 -7.59
C ILE A 254 -12.61 -1.67 -8.38
N ALA A 255 -12.23 -2.69 -9.14
CA ALA A 255 -11.03 -2.58 -9.97
C ALA A 255 -11.28 -1.49 -11.02
N GLU A 256 -12.50 -1.44 -11.58
CA GLU A 256 -12.80 -0.44 -12.60
C GLU A 256 -12.66 0.97 -12.01
N LEU A 257 -13.18 1.15 -10.80
CA LEU A 257 -13.12 2.43 -10.12
C LEU A 257 -11.66 2.79 -9.81
N PHE A 258 -10.94 1.85 -9.19
CA PHE A 258 -9.55 2.10 -8.83
C PHE A 258 -8.62 2.28 -10.04
N ASP A 259 -8.96 1.64 -11.16
CA ASP A 259 -8.14 1.80 -12.37
C ASP A 259 -8.27 3.22 -12.91
N CYS A 260 -9.47 3.79 -12.85
CA CYS A 260 -9.60 5.15 -13.36
C CYS A 260 -8.94 6.14 -12.41
N VAL A 261 -9.04 5.89 -11.11
CA VAL A 261 -8.39 6.78 -10.15
C VAL A 261 -6.87 6.75 -10.35
N ALA A 262 -6.33 5.55 -10.58
CA ALA A 262 -4.88 5.40 -10.78
C ALA A 262 -4.42 6.10 -12.07
N ARG A 263 -5.27 6.10 -13.10
CA ARG A 263 -4.90 6.75 -14.36
C ARG A 263 -4.83 8.26 -14.14
N PHE A 264 -5.77 8.77 -13.36
CA PHE A 264 -5.83 10.20 -13.06
C PHE A 264 -4.59 10.56 -12.26
N ASN A 265 -4.27 9.72 -11.26
CA ASN A 265 -3.11 9.94 -10.41
C ASN A 265 -1.83 9.95 -11.25
N THR A 266 -1.78 9.09 -12.26
CA THR A 266 -0.61 9.04 -13.12
C THR A 266 -0.47 10.34 -13.91
N ILE A 267 -1.59 10.86 -14.37
CA ILE A 267 -1.58 12.13 -15.08
C ILE A 267 -1.05 13.21 -14.12
N LEU A 268 -1.47 13.10 -12.85
CA LEU A 268 -1.05 14.06 -11.84
C LEU A 268 0.43 13.96 -11.48
N ILE A 269 0.96 12.75 -11.51
CA ILE A 269 2.38 12.53 -11.23
C ILE A 269 3.16 13.22 -12.34
N ASP A 270 2.69 13.04 -13.57
CA ASP A 270 3.31 13.63 -14.74
C ASP A 270 3.35 15.16 -14.56
N PHE A 271 2.25 15.72 -14.06
CA PHE A 271 2.14 17.16 -13.82
C PHE A 271 3.08 17.60 -12.70
N ASP A 272 3.07 16.89 -11.58
CA ASP A 272 3.94 17.23 -10.46
C ASP A 272 5.39 17.25 -10.90
N ARG A 273 5.78 16.26 -11.71
CA ARG A 273 7.16 16.19 -12.16
C ARG A 273 7.49 17.31 -13.13
N ASP A 274 6.60 17.57 -14.09
CA ASP A 274 6.85 18.62 -15.07
C ASP A 274 6.99 19.99 -14.40
N VAL A 275 6.10 20.28 -13.45
CA VAL A 275 6.16 21.56 -12.77
C VAL A 275 7.41 21.66 -11.90
N TRP A 276 7.78 20.53 -11.27
CA TRP A 276 8.99 20.45 -10.45
C TRP A 276 10.13 20.92 -11.35
N GLY A 277 10.14 20.41 -12.59
CA GLY A 277 11.18 20.77 -13.55
C GLY A 277 11.12 22.21 -14.03
N TYR A 278 9.91 22.75 -14.19
CA TYR A 278 9.80 24.14 -14.64
C TYR A 278 10.34 25.04 -13.54
N ILE A 279 10.15 24.64 -12.29
CA ILE A 279 10.64 25.42 -11.15
C ILE A 279 12.17 25.28 -11.11
N ALA A 280 12.66 24.09 -11.45
CA ALA A 280 14.09 23.83 -11.49
C ALA A 280 14.78 24.72 -12.55
N LEU A 281 14.10 24.91 -13.68
CA LEU A 281 14.63 25.73 -14.78
C LEU A 281 14.44 27.22 -14.52
N ASN A 282 13.69 27.55 -13.48
CA ASN A 282 13.40 28.93 -13.10
C ASN A 282 12.37 29.59 -14.03
N HIS A 283 11.48 28.77 -14.58
CA HIS A 283 10.41 29.28 -15.44
C HIS A 283 9.30 29.73 -14.51
N PHE A 284 9.33 29.21 -13.29
CA PHE A 284 8.37 29.54 -12.24
C PHE A 284 9.12 29.78 -10.93
N LYS A 285 8.67 30.79 -10.20
CA LYS A 285 9.23 31.08 -8.89
C LYS A 285 8.08 30.71 -7.96
N GLN A 286 8.32 30.67 -6.65
CA GLN A 286 7.25 30.30 -5.73
C GLN A 286 7.07 31.32 -4.61
N LYS A 287 5.82 31.64 -4.32
CA LYS A 287 5.51 32.57 -3.25
C LYS A 287 6.01 32.01 -1.92
N THR A 288 6.50 32.89 -1.06
CA THR A 288 7.00 32.48 0.25
C THR A 288 6.28 33.22 1.37
N ILE A 289 6.30 32.61 2.55
CA ILE A 289 5.67 33.19 3.74
C ILE A 289 6.77 33.48 4.76
N ALA A 290 6.76 34.70 5.31
CA ALA A 290 7.76 35.07 6.31
C ALA A 290 7.65 34.10 7.49
N GLY A 291 8.79 33.71 8.03
CA GLY A 291 8.78 32.78 9.13
C GLY A 291 9.05 31.37 8.65
N GLU A 292 8.58 31.04 7.44
CA GLU A 292 8.83 29.70 6.94
C GLU A 292 10.31 29.49 6.60
N ILE A 293 10.74 28.25 6.72
CA ILE A 293 12.12 27.86 6.48
C ILE A 293 12.17 26.97 5.25
N GLY A 294 12.92 27.39 4.23
CA GLY A 294 13.03 26.60 3.03
C GLY A 294 13.90 25.36 3.23
N SER A 295 15.05 25.57 3.85
CA SER A 295 16.02 24.52 4.12
C SER A 295 16.71 24.77 5.46
N SER A 296 17.07 23.71 6.17
CA SER A 296 17.70 23.87 7.49
C SER A 296 19.14 24.38 7.45
N THR A 297 19.84 24.13 6.34
CA THR A 297 21.25 24.50 6.21
C THR A 297 21.57 25.47 5.07
N MET A 298 20.70 25.52 4.05
CA MET A 298 20.88 26.43 2.92
C MET A 298 19.76 27.46 3.01
N PRO A 299 20.02 28.58 3.68
CA PRO A 299 19.04 29.66 3.85
C PRO A 299 18.39 30.27 2.62
N HIS A 300 19.02 30.12 1.46
CA HIS A 300 18.48 30.69 0.23
C HIS A 300 17.40 29.86 -0.47
N LYS A 301 17.18 28.64 -0.01
CA LYS A 301 16.23 27.74 -0.64
C LYS A 301 14.72 28.00 -0.57
N VAL A 302 14.07 27.73 -1.70
CA VAL A 302 12.62 27.77 -1.82
C VAL A 302 12.39 26.48 -2.61
N ASN A 303 11.94 25.43 -1.93
CA ASN A 303 11.72 24.15 -2.58
C ASN A 303 10.27 23.85 -2.93
N PRO A 304 10.04 23.13 -4.04
CA PRO A 304 8.70 22.76 -4.51
C PRO A 304 8.17 21.57 -3.71
N ILE A 305 8.25 21.68 -2.38
CA ILE A 305 7.83 20.60 -1.49
C ILE A 305 6.39 20.13 -1.61
N ASP A 306 5.48 21.01 -2.04
CA ASP A 306 4.08 20.61 -2.19
C ASP A 306 3.93 19.61 -3.33
N PHE A 307 4.59 19.88 -4.46
CA PHE A 307 4.49 18.99 -5.61
C PHE A 307 5.17 17.65 -5.31
N GLU A 308 6.27 17.69 -4.58
CA GLU A 308 7.01 16.49 -4.24
C GLU A 308 6.22 15.63 -3.26
N ASN A 309 5.57 16.28 -2.31
CA ASN A 309 4.74 15.53 -1.36
C ASN A 309 3.66 14.83 -2.18
N SER A 310 3.04 15.57 -3.09
CA SER A 310 1.98 15.04 -3.94
C SER A 310 2.48 13.84 -4.74
N GLU A 311 3.58 14.02 -5.44
CA GLU A 311 4.15 12.97 -6.28
C GLU A 311 4.41 11.70 -5.48
N GLY A 312 5.00 11.86 -4.30
CA GLY A 312 5.29 10.69 -3.46
C GLY A 312 4.04 9.95 -3.04
N ASN A 313 3.02 10.69 -2.59
CA ASN A 313 1.80 10.04 -2.15
C ASN A 313 1.01 9.42 -3.29
N LEU A 314 1.16 9.96 -4.50
CA LEU A 314 0.46 9.39 -5.65
C LEU A 314 1.05 8.01 -5.99
N GLY A 315 2.36 7.86 -5.87
CA GLY A 315 2.98 6.57 -6.14
C GLY A 315 2.47 5.53 -5.15
N LEU A 316 2.34 5.96 -3.89
CA LEU A 316 1.84 5.10 -2.81
C LEU A 316 0.37 4.76 -3.08
N SER A 317 -0.41 5.77 -3.41
CA SER A 317 -1.83 5.57 -3.71
C SER A 317 -2.02 4.49 -4.76
N ASN A 318 -1.34 4.66 -5.90
CA ASN A 318 -1.45 3.71 -6.99
C ASN A 318 -1.00 2.30 -6.62
N ALA A 319 0.02 2.19 -5.77
CA ALA A 319 0.49 0.86 -5.37
C ALA A 319 -0.63 0.12 -4.63
N VAL A 320 -1.31 0.81 -3.73
CA VAL A 320 -2.39 0.19 -2.97
C VAL A 320 -3.62 -0.05 -3.84
N LEU A 321 -3.99 0.96 -4.62
CA LEU A 321 -5.15 0.87 -5.50
C LEU A 321 -4.99 -0.31 -6.46
N GLN A 322 -3.79 -0.45 -7.02
CA GLN A 322 -3.47 -1.51 -7.98
C GLN A 322 -3.52 -2.90 -7.33
N HIS A 323 -3.04 -3.01 -6.10
CA HIS A 323 -3.07 -4.30 -5.43
C HIS A 323 -4.53 -4.71 -5.21
N LEU A 324 -5.35 -3.77 -4.73
CA LEU A 324 -6.76 -4.11 -4.51
C LEU A 324 -7.47 -4.46 -5.81
N ALA A 325 -7.18 -3.72 -6.87
CA ALA A 325 -7.79 -3.96 -8.18
C ALA A 325 -7.47 -5.35 -8.73
N SER A 326 -6.22 -5.77 -8.58
CA SER A 326 -5.82 -7.06 -9.12
C SER A 326 -6.08 -8.25 -8.20
N LYS A 327 -6.11 -8.01 -6.89
CA LYS A 327 -6.31 -9.10 -5.94
C LYS A 327 -7.75 -9.39 -5.54
N LEU A 328 -8.55 -8.34 -5.34
CA LEU A 328 -9.94 -8.53 -4.93
C LEU A 328 -10.82 -9.41 -5.82
N PRO A 329 -10.73 -9.27 -7.14
CA PRO A 329 -11.61 -10.11 -7.99
C PRO A 329 -11.31 -11.61 -8.11
N VAL A 330 -10.30 -12.09 -7.38
CA VAL A 330 -9.97 -13.51 -7.40
C VAL A 330 -10.29 -14.06 -6.01
N SER A 331 -11.27 -14.96 -5.91
CA SER A 331 -11.68 -15.53 -4.63
C SER A 331 -11.94 -17.01 -4.83
N ARG A 332 -11.33 -17.84 -4.01
CA ARG A 332 -11.47 -19.28 -4.16
C ARG A 332 -12.90 -19.83 -4.12
N TRP A 333 -13.25 -20.51 -5.20
CA TRP A 333 -14.57 -21.11 -5.36
C TRP A 333 -15.70 -20.12 -5.05
N GLN A 334 -16.62 -20.46 -4.15
CA GLN A 334 -17.71 -19.55 -3.85
C GLN A 334 -17.33 -18.38 -2.96
N ARG A 335 -16.01 -18.26 -2.74
CA ARG A 335 -15.31 -17.21 -1.99
C ARG A 335 -14.42 -17.68 -0.84
N ASP A 336 -13.33 -16.96 -0.64
CA ASP A 336 -12.45 -17.20 0.49
C ASP A 336 -12.51 -15.86 1.21
N LEU A 337 -12.18 -15.85 2.49
CA LEU A 337 -12.28 -14.62 3.28
C LEU A 337 -11.13 -13.63 3.24
N THR A 338 -10.17 -13.84 2.35
CA THR A 338 -9.03 -12.91 2.29
C THR A 338 -9.45 -11.50 1.87
N ASP A 339 -10.58 -11.38 1.15
CA ASP A 339 -11.02 -10.05 0.72
C ASP A 339 -11.60 -9.21 1.86
N SER A 340 -12.07 -9.87 2.91
CA SER A 340 -12.63 -9.15 4.05
C SER A 340 -11.64 -8.14 4.64
N THR A 341 -10.49 -8.61 5.12
CA THR A 341 -9.51 -7.69 5.70
C THR A 341 -9.00 -6.71 4.64
N VAL A 342 -8.83 -7.19 3.41
CA VAL A 342 -8.36 -6.31 2.35
C VAL A 342 -9.32 -5.13 2.07
N LEU A 343 -10.63 -5.39 2.11
CA LEU A 343 -11.61 -4.34 1.85
C LEU A 343 -11.68 -3.29 2.96
N ARG A 344 -10.98 -3.52 4.07
CA ARG A 344 -10.95 -2.54 5.15
C ARG A 344 -9.95 -1.45 4.77
N ASN A 345 -9.31 -1.65 3.62
CA ASN A 345 -8.29 -0.74 3.10
C ASN A 345 -8.74 0.05 1.88
N LEU A 346 -10.03 -0.01 1.56
CA LEU A 346 -10.53 0.73 0.41
C LEU A 346 -10.18 2.22 0.53
N GLY A 347 -10.21 2.73 1.75
CA GLY A 347 -9.91 4.14 1.96
C GLY A 347 -8.43 4.51 2.01
N VAL A 348 -7.55 3.52 2.14
CA VAL A 348 -6.12 3.77 2.19
C VAL A 348 -5.58 4.34 0.86
N GLY A 349 -5.86 3.63 -0.23
CA GLY A 349 -5.41 4.10 -1.53
C GLY A 349 -6.00 5.47 -1.83
N ILE A 350 -7.28 5.63 -1.49
CA ILE A 350 -7.96 6.89 -1.72
C ILE A 350 -7.38 8.01 -0.85
N GLY A 351 -7.02 7.67 0.38
CA GLY A 351 -6.44 8.64 1.30
C GLY A 351 -5.14 9.24 0.80
N TYR A 352 -4.24 8.39 0.30
CA TYR A 352 -2.96 8.86 -0.22
C TYR A 352 -3.22 9.83 -1.37
N ALA A 353 -4.22 9.51 -2.20
CA ALA A 353 -4.55 10.36 -3.33
C ALA A 353 -5.07 11.72 -2.88
N LEU A 354 -5.98 11.73 -1.91
CA LEU A 354 -6.55 12.97 -1.40
C LEU A 354 -5.46 13.88 -0.87
N ILE A 355 -4.51 13.30 -0.14
CA ILE A 355 -3.40 14.07 0.40
C ILE A 355 -2.63 14.70 -0.75
N ALA A 356 -2.39 13.92 -1.79
CA ALA A 356 -1.66 14.41 -2.96
C ALA A 356 -2.40 15.54 -3.68
N TYR A 357 -3.72 15.40 -3.81
CA TYR A 357 -4.50 16.43 -4.49
C TYR A 357 -4.41 17.76 -3.77
N GLN A 358 -4.48 17.71 -2.45
CA GLN A 358 -4.39 18.92 -1.64
C GLN A 358 -3.01 19.56 -1.73
N SER A 359 -1.97 18.73 -1.73
CA SER A 359 -0.60 19.21 -1.84
C SER A 359 -0.38 19.87 -3.20
N THR A 360 -0.89 19.27 -4.28
CA THR A 360 -0.73 19.87 -5.60
C THR A 360 -1.45 21.22 -5.66
N LEU A 361 -2.67 21.27 -5.13
CA LEU A 361 -3.43 22.53 -5.13
C LEU A 361 -2.68 23.59 -4.33
N LYS A 362 -2.05 23.19 -3.24
CA LYS A 362 -1.30 24.15 -2.44
C LYS A 362 -0.09 24.62 -3.25
N GLY A 363 0.56 23.69 -3.94
CA GLY A 363 1.72 24.06 -4.76
C GLY A 363 1.29 25.02 -5.87
N VAL A 364 0.18 24.71 -6.51
CA VAL A 364 -0.33 25.56 -7.58
C VAL A 364 -0.61 26.99 -7.11
N SER A 365 -1.11 27.14 -5.89
CA SER A 365 -1.43 28.47 -5.36
C SER A 365 -0.20 29.36 -5.16
N LYS A 366 0.99 28.75 -5.16
CA LYS A 366 2.21 29.52 -4.93
C LYS A 366 3.00 29.85 -6.19
N LEU A 367 2.58 29.31 -7.33
CA LEU A 367 3.31 29.55 -8.57
C LEU A 367 3.28 31.00 -9.04
N GLU A 368 4.43 31.47 -9.48
CA GLU A 368 4.58 32.81 -10.02
C GLU A 368 5.41 32.67 -11.27
N VAL A 369 4.76 32.68 -12.42
CA VAL A 369 5.47 32.53 -13.69
C VAL A 369 6.58 33.57 -13.82
N ASN A 370 7.68 33.16 -14.44
CA ASN A 370 8.85 34.02 -14.64
C ASN A 370 9.03 34.30 -16.13
N ARG A 371 8.23 35.23 -16.65
CA ARG A 371 8.30 35.60 -18.05
C ARG A 371 9.72 36.02 -18.46
N ASP A 372 10.38 36.81 -17.63
CA ASP A 372 11.74 37.26 -17.94
C ASP A 372 12.66 36.10 -18.31
N HIS A 373 12.68 35.07 -17.49
CA HIS A 373 13.54 33.93 -17.77
C HIS A 373 13.10 33.17 -19.02
N LEU A 374 11.80 32.90 -19.13
CA LEU A 374 11.25 32.18 -20.28
C LEU A 374 11.62 32.86 -21.60
N LEU A 375 11.47 34.17 -21.65
CA LEU A 375 11.78 34.94 -22.86
C LEU A 375 13.28 35.01 -23.12
N ASP A 376 14.07 35.17 -22.06
CA ASP A 376 15.52 35.24 -22.21
C ASP A 376 16.07 33.92 -22.74
N GLU A 377 15.54 32.80 -22.25
CA GLU A 377 16.01 31.51 -22.72
C GLU A 377 15.65 31.36 -24.20
N LEU A 378 14.42 31.71 -24.57
CA LEU A 378 14.00 31.62 -25.96
C LEU A 378 14.91 32.45 -26.86
N ASP A 379 15.32 33.61 -26.38
CA ASP A 379 16.17 34.50 -27.17
C ASP A 379 17.59 33.98 -27.38
N HIS A 380 17.93 32.88 -26.72
CA HIS A 380 19.26 32.28 -26.88
C HIS A 380 19.16 30.92 -27.57
N ASN A 381 17.99 30.63 -28.14
CA ASN A 381 17.78 29.36 -28.84
C ASN A 381 17.15 29.53 -30.21
N TRP A 382 17.74 30.42 -31.01
CA TRP A 382 17.24 30.67 -32.35
C TRP A 382 17.33 29.45 -33.27
N GLU A 383 18.11 28.46 -32.87
CA GLU A 383 18.25 27.25 -33.69
C GLU A 383 16.89 26.60 -33.93
N VAL A 384 15.91 26.88 -33.07
CA VAL A 384 14.60 26.27 -33.24
C VAL A 384 13.89 26.78 -34.49
N LEU A 385 14.35 27.90 -35.06
CA LEU A 385 13.72 28.43 -36.26
C LEU A 385 14.16 27.65 -37.51
N ALA A 386 15.04 26.67 -37.31
CA ALA A 386 15.50 25.84 -38.41
C ALA A 386 14.30 25.08 -38.98
N GLU A 387 13.40 24.65 -38.10
CA GLU A 387 12.21 23.90 -38.52
C GLU A 387 11.30 24.65 -39.51
N PRO A 388 10.83 25.85 -39.14
CA PRO A 388 9.96 26.61 -40.06
C PRO A 388 10.65 27.02 -41.36
N ILE A 389 11.94 27.35 -41.26
CA ILE A 389 12.69 27.73 -42.44
C ILE A 389 12.71 26.53 -43.40
N GLN A 390 13.00 25.35 -42.86
CA GLN A 390 13.06 24.12 -43.64
C GLN A 390 11.72 23.79 -44.30
N THR A 391 10.64 23.98 -43.57
CA THR A 391 9.32 23.67 -44.09
C THR A 391 8.92 24.64 -45.22
N VAL A 392 9.28 25.91 -45.07
CA VAL A 392 8.96 26.89 -46.10
C VAL A 392 9.77 26.56 -47.35
N MET A 393 11.07 26.30 -47.17
CA MET A 393 11.94 25.96 -48.29
C MET A 393 11.34 24.79 -49.06
N ARG A 394 10.83 23.81 -48.33
CA ARG A 394 10.24 22.63 -48.91
C ARG A 394 8.98 22.98 -49.70
N ARG A 395 8.16 23.88 -49.17
CA ARG A 395 6.94 24.26 -49.87
C ARG A 395 7.28 24.81 -51.25
N TYR A 396 8.35 25.61 -51.32
CA TYR A 396 8.75 26.22 -52.58
C TYR A 396 9.76 25.45 -53.41
N GLY A 397 9.92 24.17 -53.10
CA GLY A 397 10.83 23.32 -53.85
C GLY A 397 12.32 23.54 -53.76
N ILE A 398 12.80 24.22 -52.71
CA ILE A 398 14.24 24.41 -52.59
C ILE A 398 14.81 23.06 -52.19
N GLU A 399 15.79 22.59 -52.98
CA GLU A 399 16.40 21.29 -52.74
C GLU A 399 17.26 21.18 -51.49
N LYS A 400 17.24 19.99 -50.90
CA LYS A 400 18.00 19.67 -49.71
C LYS A 400 17.79 20.63 -48.54
N PRO A 401 16.53 20.88 -48.18
CA PRO A 401 16.22 21.78 -47.07
C PRO A 401 16.70 21.24 -45.73
N TYR A 402 16.26 20.04 -45.39
CA TYR A 402 16.64 19.41 -44.12
C TYR A 402 18.15 19.37 -43.98
N GLU A 403 18.85 19.20 -45.10
CA GLU A 403 20.30 19.12 -45.10
C GLU A 403 20.98 20.48 -44.90
N LYS A 404 20.53 21.50 -45.62
CA LYS A 404 21.11 22.82 -45.50
C LYS A 404 20.94 23.39 -44.09
N LEU A 405 19.89 22.95 -43.40
CA LEU A 405 19.63 23.42 -42.04
C LEU A 405 20.34 22.53 -41.02
N LYS A 406 20.14 21.22 -41.14
CA LYS A 406 20.78 20.28 -40.23
C LYS A 406 22.29 20.53 -40.26
N GLU A 407 22.81 20.80 -41.44
CA GLU A 407 24.24 21.07 -41.61
C GLU A 407 24.63 22.41 -41.02
N LEU A 408 23.95 23.48 -41.42
CA LEU A 408 24.26 24.81 -40.93
C LEU A 408 23.29 25.26 -39.83
N VAL A 414 23.93 29.47 -33.52
CA VAL A 414 23.40 30.43 -34.53
C VAL A 414 22.43 31.41 -33.89
N ASP A 415 22.74 32.70 -34.02
CA ASP A 415 21.89 33.74 -33.45
C ASP A 415 20.92 34.30 -34.50
N ALA A 416 20.33 35.44 -34.19
CA ALA A 416 19.36 36.07 -35.09
C ALA A 416 19.98 36.47 -36.43
N GLU A 417 21.04 37.26 -36.37
CA GLU A 417 21.74 37.73 -37.57
C GLU A 417 22.03 36.57 -38.49
N GLY A 418 22.59 35.52 -37.92
CA GLY A 418 22.92 34.34 -38.69
C GLY A 418 21.70 33.82 -39.43
N MET A 419 20.68 33.41 -38.67
CA MET A 419 19.44 32.90 -39.26
C MET A 419 18.92 33.88 -40.30
N LYS A 420 19.16 35.16 -40.06
CA LYS A 420 18.71 36.21 -40.98
C LYS A 420 19.51 36.20 -42.27
N GLN A 421 20.80 35.85 -42.17
CA GLN A 421 21.67 35.82 -43.34
C GLN A 421 21.25 34.63 -44.21
N PHE A 422 21.07 33.48 -43.57
CA PHE A 422 20.67 32.26 -44.26
C PHE A 422 19.42 32.50 -45.11
N ILE A 423 18.35 32.97 -44.46
CA ILE A 423 17.09 33.24 -45.12
C ILE A 423 17.25 34.15 -46.34
N ASP A 424 17.98 35.25 -46.16
CA ASP A 424 18.20 36.20 -47.24
C ASP A 424 18.80 35.54 -48.48
N GLY A 425 19.60 34.51 -48.27
CA GLY A 425 20.23 33.82 -49.39
C GLY A 425 19.39 32.69 -49.96
N LEU A 426 18.10 32.68 -49.64
CA LEU A 426 17.20 31.64 -50.12
C LEU A 426 16.45 32.08 -51.37
N ALA A 427 16.17 31.12 -52.25
CA ALA A 427 15.44 31.40 -53.48
C ALA A 427 13.95 31.37 -53.20
N LEU A 428 13.48 32.39 -52.48
CA LEU A 428 12.07 32.51 -52.11
C LEU A 428 11.58 33.91 -52.41
N PRO A 429 10.25 34.07 -52.60
CA PRO A 429 9.75 35.41 -52.88
C PRO A 429 9.94 36.29 -51.64
N GLU A 430 10.21 37.57 -51.86
CA GLU A 430 10.42 38.51 -50.76
C GLU A 430 9.35 38.37 -49.68
N GLU A 431 8.09 38.32 -50.09
CA GLU A 431 6.98 38.19 -49.17
C GLU A 431 7.19 37.05 -48.17
N GLU A 432 7.69 35.92 -48.65
CA GLU A 432 7.94 34.77 -47.79
C GLU A 432 9.21 34.94 -46.98
N LYS A 433 10.20 35.64 -47.55
CA LYS A 433 11.44 35.89 -46.85
C LYS A 433 11.14 36.76 -45.64
N ALA A 434 10.31 37.77 -45.86
CA ALA A 434 9.93 38.71 -44.81
C ALA A 434 9.24 37.96 -43.67
N ARG A 435 8.29 37.11 -44.01
CA ARG A 435 7.55 36.35 -43.02
C ARG A 435 8.51 35.54 -42.15
N LEU A 436 9.55 34.97 -42.76
CA LEU A 436 10.54 34.20 -42.02
C LEU A 436 11.45 35.09 -41.18
N LYS A 437 11.82 36.25 -41.73
CA LYS A 437 12.69 37.18 -41.03
C LYS A 437 11.94 37.85 -39.89
N ALA A 438 10.61 37.78 -39.94
CA ALA A 438 9.78 38.38 -38.91
C ALA A 438 9.57 37.46 -37.70
N MET A 439 9.83 36.17 -37.85
CA MET A 439 9.63 35.29 -36.70
C MET A 439 10.81 35.21 -35.75
N THR A 440 10.51 34.94 -34.49
CA THR A 440 11.50 34.82 -33.45
C THR A 440 11.13 33.58 -32.64
N PRO A 441 12.07 33.08 -31.82
CA PRO A 441 11.69 31.88 -31.05
C PRO A 441 10.44 32.20 -30.24
N ALA A 442 10.41 33.38 -29.64
CA ALA A 442 9.28 33.81 -28.82
C ALA A 442 7.92 33.82 -29.52
N ASN A 443 7.89 34.11 -30.82
CA ASN A 443 6.61 34.14 -31.50
C ASN A 443 6.35 32.90 -32.37
N TYR A 444 7.31 31.99 -32.44
CA TYR A 444 7.14 30.78 -33.22
C TYR A 444 6.43 29.76 -32.33
N ILE A 445 5.20 30.09 -31.95
CA ILE A 445 4.40 29.25 -31.06
C ILE A 445 3.19 28.57 -31.73
N GLY A 446 3.13 28.64 -33.05
CA GLY A 446 2.04 28.01 -33.77
C GLY A 446 0.65 28.42 -33.32
N ARG A 447 -0.22 27.44 -33.16
CA ARG A 447 -1.61 27.66 -32.75
C ARG A 447 -1.82 27.60 -31.24
N ALA A 448 -0.72 27.60 -30.49
CA ALA A 448 -0.77 27.50 -29.03
C ALA A 448 -1.84 28.33 -28.31
N ILE A 449 -1.83 29.64 -28.54
CA ILE A 449 -2.80 30.52 -27.88
C ILE A 449 -4.25 30.19 -28.22
N THR A 450 -4.55 30.00 -29.50
CA THR A 450 -5.90 29.66 -29.92
C THR A 450 -6.32 28.30 -29.34
N MET A 451 -5.38 27.37 -29.21
CA MET A 451 -5.70 26.06 -28.64
C MET A 451 -6.20 26.24 -27.20
N VAL A 452 -5.53 27.10 -26.45
CA VAL A 452 -5.95 27.37 -25.09
C VAL A 452 -7.34 27.99 -25.08
N ASP A 453 -7.55 29.00 -25.93
CA ASP A 453 -8.86 29.68 -25.97
C ASP A 453 -9.99 28.74 -26.37
N GLU A 454 -9.67 27.71 -27.17
CA GLU A 454 -10.69 26.77 -27.61
C GLU A 454 -10.99 25.62 -26.65
N LEU A 455 -10.15 25.46 -25.62
CA LEU A 455 -10.36 24.36 -24.67
C LEU A 455 -11.79 24.28 -24.17
N LYS A 456 -12.34 25.42 -23.76
CA LYS A 456 -13.70 25.48 -23.24
C LYS A 456 -14.75 24.87 -24.17
N HIS A 457 -14.41 24.73 -25.44
CA HIS A 457 -15.33 24.17 -26.42
C HIS A 457 -15.43 22.64 -26.46
N HIS A 458 -14.48 21.95 -25.87
CA HIS A 458 -14.51 20.50 -25.94
C HIS A 458 -15.45 19.73 -25.01
N HIS A 459 -14.94 19.26 -23.88
CA HIS A 459 -15.76 18.48 -22.95
C HIS A 459 -16.99 19.23 -22.42
N MET B 1 -14.65 13.95 12.68
CA MET B 1 -14.48 12.98 13.79
C MET B 1 -13.05 12.93 14.27
N GLU B 2 -12.87 12.79 15.59
CA GLU B 2 -11.55 12.69 16.17
C GLU B 2 -11.04 11.28 15.86
N LEU B 3 -9.73 11.13 15.81
CA LEU B 3 -9.11 9.84 15.52
C LEU B 3 -9.19 8.93 16.72
N SER B 4 -9.60 7.69 16.46
CA SER B 4 -9.70 6.64 17.47
C SER B 4 -9.55 5.35 16.65
N SER B 5 -9.46 4.20 17.31
CA SER B 5 -9.31 2.97 16.57
C SER B 5 -10.55 2.73 15.71
N LEU B 6 -11.69 3.26 16.13
CA LEU B 6 -12.93 3.08 15.37
C LEU B 6 -13.01 3.98 14.14
N THR B 7 -12.45 5.19 14.22
CA THR B 7 -12.52 6.13 13.12
C THR B 7 -11.30 6.16 12.19
N ALA B 8 -10.23 5.48 12.56
CA ALA B 8 -9.02 5.44 11.74
C ALA B 8 -9.36 4.94 10.34
N VAL B 9 -8.79 5.59 9.33
CA VAL B 9 -9.05 5.23 7.95
C VAL B 9 -8.38 3.89 7.63
N SER B 10 -7.15 3.72 8.10
CA SER B 10 -6.41 2.48 7.87
C SER B 10 -6.60 1.52 9.03
N PRO B 11 -6.77 0.22 8.72
CA PRO B 11 -6.97 -0.79 9.75
C PRO B 11 -5.71 -1.10 10.54
N VAL B 12 -4.58 -0.56 10.11
CA VAL B 12 -3.32 -0.77 10.82
C VAL B 12 -3.38 -0.05 12.16
N ASP B 13 -4.06 1.09 12.19
CA ASP B 13 -4.23 1.84 13.42
C ASP B 13 -5.68 1.71 13.88
N GLY B 14 -6.49 1.08 13.03
CA GLY B 14 -7.89 0.90 13.34
C GLY B 14 -8.23 -0.45 13.94
N ARG B 15 -8.95 -1.28 13.19
CA ARG B 15 -9.35 -2.59 13.69
C ARG B 15 -8.22 -3.42 14.29
N TYR B 16 -7.03 -3.36 13.70
CA TYR B 16 -5.89 -4.14 14.20
C TYR B 16 -4.86 -3.30 14.93
N GLY B 17 -5.23 -2.08 15.32
CA GLY B 17 -4.29 -1.21 16.02
C GLY B 17 -3.61 -1.86 17.20
N ASP B 18 -4.36 -2.67 17.95
CA ASP B 18 -3.82 -3.35 19.11
C ASP B 18 -2.74 -4.36 18.75
N LYS B 19 -2.75 -4.83 17.51
CA LYS B 19 -1.79 -5.83 17.06
C LYS B 19 -0.42 -5.26 16.65
N VAL B 20 -0.35 -3.94 16.52
CA VAL B 20 0.90 -3.30 16.11
C VAL B 20 1.33 -2.16 17.01
N SER B 21 0.87 -2.17 18.25
CA SER B 21 1.20 -1.10 19.19
C SER B 21 2.71 -0.82 19.29
N ALA B 22 3.53 -1.84 19.15
CA ALA B 22 4.98 -1.65 19.24
C ALA B 22 5.50 -0.69 18.16
N LEU B 23 4.83 -0.66 17.01
CA LEU B 23 5.28 0.24 15.94
C LEU B 23 4.95 1.71 16.20
N ARG B 24 4.03 1.97 17.13
CA ARG B 24 3.66 3.34 17.44
C ARG B 24 4.82 4.16 18.01
N GLY B 25 5.71 3.49 18.72
CA GLY B 25 6.84 4.22 19.30
C GLY B 25 8.03 4.23 18.37
N ILE B 26 7.85 3.72 17.15
CA ILE B 26 8.95 3.65 16.20
C ILE B 26 8.76 4.37 14.86
N PHE B 27 7.74 3.99 14.12
CA PHE B 27 7.49 4.55 12.79
C PHE B 27 6.54 5.73 12.64
N SER B 28 5.82 6.03 13.72
CA SER B 28 4.85 7.15 13.74
C SER B 28 5.61 8.47 13.67
N GLU B 29 4.88 9.58 13.62
CA GLU B 29 5.56 10.88 13.56
C GLU B 29 6.27 11.08 14.91
N TYR B 30 5.67 10.60 16.00
CA TYR B 30 6.29 10.71 17.32
C TYR B 30 7.63 9.96 17.31
N GLY B 31 7.61 8.73 16.79
CA GLY B 31 8.83 7.93 16.72
C GLY B 31 9.91 8.62 15.90
N LEU B 32 9.55 9.13 14.72
CA LEU B 32 10.50 9.83 13.88
C LEU B 32 11.11 11.00 14.65
N LEU B 33 10.25 11.80 15.29
CA LEU B 33 10.72 12.95 16.06
C LEU B 33 11.58 12.50 17.24
N LYS B 34 11.22 11.39 17.88
CA LYS B 34 12.00 10.89 19.01
C LYS B 34 13.43 10.56 18.56
N PHE B 35 13.54 9.82 17.46
CA PHE B 35 14.85 9.46 16.95
C PHE B 35 15.64 10.68 16.46
N ARG B 36 14.98 11.62 15.79
CA ARG B 36 15.67 12.83 15.34
C ARG B 36 16.30 13.58 16.52
N VAL B 37 15.57 13.66 17.62
CA VAL B 37 16.07 14.34 18.81
C VAL B 37 17.31 13.58 19.33
N GLN B 38 17.23 12.25 19.30
CA GLN B 38 18.35 11.43 19.76
C GLN B 38 19.59 11.75 18.94
N VAL B 39 19.43 11.79 17.61
CA VAL B 39 20.56 12.04 16.73
C VAL B 39 21.14 13.45 16.93
N GLU B 40 20.26 14.45 17.04
CA GLU B 40 20.68 15.82 17.23
C GLU B 40 21.50 15.96 18.52
N VAL B 41 20.99 15.38 19.59
CA VAL B 41 21.67 15.43 20.89
C VAL B 41 23.02 14.73 20.84
N ARG B 42 23.07 13.54 20.25
CA ARG B 42 24.33 12.82 20.18
C ARG B 42 25.38 13.58 19.37
N TRP B 43 24.94 14.33 18.36
CA TRP B 43 25.85 15.11 17.51
C TRP B 43 26.49 16.25 18.32
N LEU B 44 25.66 16.96 19.09
CA LEU B 44 26.16 18.07 19.91
C LEU B 44 27.17 17.53 20.93
N GLN B 45 26.86 16.38 21.50
CA GLN B 45 27.75 15.77 22.49
C GLN B 45 29.09 15.37 21.89
N LYS B 46 29.09 14.95 20.62
CA LYS B 46 30.35 14.56 20.01
C LYS B 46 31.19 15.82 19.72
N LEU B 47 30.51 16.90 19.36
CA LEU B 47 31.20 18.16 19.08
C LEU B 47 31.89 18.64 20.36
N ALA B 48 31.16 18.61 21.46
CA ALA B 48 31.68 19.04 22.75
C ALA B 48 32.85 18.16 23.18
N ALA B 49 32.69 16.85 23.06
CA ALA B 49 33.73 15.91 23.46
C ALA B 49 34.96 15.94 22.55
N HIS B 50 34.82 16.52 21.37
CA HIS B 50 35.93 16.60 20.42
C HIS B 50 36.84 17.77 20.80
N ALA B 51 38.05 17.45 21.24
CA ALA B 51 39.03 18.45 21.67
C ALA B 51 39.32 19.57 20.67
N ALA B 52 39.46 19.22 19.40
CA ALA B 52 39.76 20.19 18.36
C ALA B 52 38.69 21.26 18.19
N ILE B 53 37.48 20.96 18.63
CA ILE B 53 36.38 21.91 18.51
C ILE B 53 36.22 22.59 19.86
N LYS B 54 37.08 23.58 20.10
CA LYS B 54 37.09 24.31 21.36
C LYS B 54 35.89 25.22 21.60
N GLU B 55 35.23 25.67 20.53
CA GLU B 55 34.07 26.53 20.67
C GLU B 55 32.95 25.76 21.36
N VAL B 56 33.11 24.45 21.48
CA VAL B 56 32.12 23.62 22.17
C VAL B 56 32.90 22.79 23.17
N PRO B 57 33.16 23.36 24.36
CA PRO B 57 33.92 22.66 25.40
C PRO B 57 33.20 21.45 25.98
N ALA B 58 33.99 20.50 26.49
CA ALA B 58 33.46 19.28 27.08
C ALA B 58 32.36 19.68 28.06
N PHE B 59 31.27 18.94 28.09
CA PHE B 59 30.16 19.24 28.99
C PHE B 59 30.37 18.69 30.39
N ALA B 60 29.82 19.38 31.37
CA ALA B 60 29.91 18.95 32.76
C ALA B 60 28.91 17.81 32.92
N ALA B 61 29.05 17.03 33.97
CA ALA B 61 28.18 15.90 34.22
C ALA B 61 26.69 16.25 34.20
N ASP B 62 26.33 17.38 34.80
CA ASP B 62 24.93 17.79 34.84
C ASP B 62 24.38 18.16 33.46
N ALA B 63 25.20 18.77 32.63
CA ALA B 63 24.79 19.18 31.29
C ALA B 63 24.53 17.93 30.44
N ILE B 64 25.45 16.97 30.51
CA ILE B 64 25.31 15.74 29.76
C ILE B 64 24.05 15.01 30.21
N GLY B 65 23.79 15.04 31.51
CA GLY B 65 22.62 14.39 32.06
C GLY B 65 21.34 15.08 31.59
N TYR B 66 21.38 16.39 31.48
CA TYR B 66 20.23 17.15 31.02
C TYR B 66 19.92 16.80 29.57
N LEU B 67 20.98 16.67 28.76
CA LEU B 67 20.81 16.33 27.35
C LEU B 67 20.29 14.90 27.22
N ASP B 68 20.86 14.00 27.99
CA ASP B 68 20.45 12.60 27.97
C ASP B 68 18.98 12.45 28.38
N ALA B 69 18.51 13.32 29.27
CA ALA B 69 17.14 13.29 29.73
C ALA B 69 16.20 13.77 28.62
N ILE B 70 16.65 14.77 27.86
CA ILE B 70 15.84 15.27 26.75
C ILE B 70 15.56 14.09 25.84
N VAL B 71 16.60 13.30 25.58
CA VAL B 71 16.48 12.13 24.72
C VAL B 71 15.61 11.04 25.34
N ALA B 72 16.03 10.58 26.52
CA ALA B 72 15.32 9.51 27.22
C ALA B 72 13.86 9.79 27.57
N SER B 73 13.55 11.03 27.96
CA SER B 73 12.18 11.34 28.35
C SER B 73 11.29 11.88 27.23
N PHE B 74 11.85 12.08 26.03
CA PHE B 74 11.07 12.62 24.92
C PHE B 74 9.63 12.11 24.96
N SER B 75 8.70 13.04 25.09
CA SER B 75 7.29 12.70 25.22
C SER B 75 6.39 13.18 24.09
N GLU B 76 5.12 12.78 24.14
CA GLU B 76 4.15 13.20 23.15
C GLU B 76 3.96 14.71 23.23
N GLU B 77 4.03 15.24 24.45
CA GLU B 77 3.89 16.69 24.64
C GLU B 77 5.06 17.38 23.95
N ASP B 78 6.24 16.77 24.04
CA ASP B 78 7.43 17.32 23.40
C ASP B 78 7.24 17.36 21.89
N ALA B 79 6.74 16.27 21.34
CA ALA B 79 6.49 16.17 19.90
C ALA B 79 5.45 17.20 19.48
N ALA B 80 4.45 17.40 20.32
CA ALA B 80 3.39 18.37 20.02
C ALA B 80 3.99 19.77 19.94
N ARG B 81 4.96 20.07 20.79
CA ARG B 81 5.60 21.38 20.77
C ARG B 81 6.34 21.55 19.44
N ILE B 82 7.03 20.50 19.01
CA ILE B 82 7.74 20.55 17.76
C ILE B 82 6.72 20.81 16.64
N LYS B 83 5.60 20.09 16.68
CA LYS B 83 4.55 20.26 15.67
C LYS B 83 4.03 21.69 15.68
N THR B 84 3.97 22.31 16.86
CA THR B 84 3.49 23.69 16.99
C THR B 84 4.51 24.65 16.36
N ILE B 85 5.79 24.36 16.56
CA ILE B 85 6.85 25.19 15.98
C ILE B 85 6.83 25.00 14.47
N GLU B 86 6.52 23.79 14.03
CA GLU B 86 6.48 23.51 12.60
C GLU B 86 5.38 24.33 11.90
N ARG B 87 4.41 24.82 12.66
CA ARG B 87 3.34 25.64 12.07
C ARG B 87 3.98 26.87 11.46
N THR B 88 5.01 27.37 12.13
CA THR B 88 5.74 28.55 11.69
C THR B 88 6.75 28.24 10.59
N THR B 89 7.62 27.28 10.86
CA THR B 89 8.68 26.94 9.90
C THR B 89 8.30 26.18 8.64
N ASN B 90 7.23 25.39 8.71
CA ASN B 90 6.81 24.55 7.60
C ASN B 90 8.01 23.70 7.19
N HIS B 91 8.81 23.34 8.19
CA HIS B 91 10.01 22.53 7.99
C HIS B 91 10.18 21.75 9.30
N ASP B 92 9.88 20.46 9.26
CA ASP B 92 9.94 19.64 10.46
C ASP B 92 11.28 19.53 11.18
N VAL B 93 12.39 19.36 10.46
CA VAL B 93 13.68 19.26 11.15
C VAL B 93 14.12 20.60 11.73
N LYS B 94 13.76 21.70 11.08
CA LYS B 94 14.13 22.99 11.63
C LYS B 94 13.37 23.17 12.95
N ALA B 95 12.13 22.66 13.00
CA ALA B 95 11.33 22.75 14.21
C ALA B 95 12.00 21.95 15.34
N VAL B 96 12.58 20.81 15.00
CA VAL B 96 13.26 20.00 16.00
C VAL B 96 14.45 20.78 16.55
N GLU B 97 15.18 21.46 15.66
CA GLU B 97 16.32 22.26 16.08
C GLU B 97 15.83 23.33 17.06
N TYR B 98 14.81 24.10 16.66
CA TYR B 98 14.29 25.15 17.52
C TYR B 98 13.78 24.61 18.85
N PHE B 99 13.19 23.42 18.83
CA PHE B 99 12.70 22.79 20.04
C PHE B 99 13.87 22.53 21.00
N LEU B 100 14.96 22.00 20.48
CA LEU B 100 16.12 21.71 21.30
C LEU B 100 16.76 22.99 21.85
N LYS B 101 16.74 24.05 21.05
CA LYS B 101 17.30 25.32 21.50
C LYS B 101 16.45 25.85 22.66
N GLU B 102 15.14 25.62 22.61
CA GLU B 102 14.25 26.07 23.69
C GLU B 102 14.54 25.30 24.97
N LYS B 103 14.59 23.97 24.87
CA LYS B 103 14.85 23.12 26.02
C LYS B 103 16.16 23.46 26.72
N VAL B 104 17.13 23.88 25.92
CA VAL B 104 18.48 24.21 26.39
C VAL B 104 18.69 25.64 26.92
N ALA B 105 17.81 26.56 26.56
CA ALA B 105 17.92 27.95 26.97
C ALA B 105 18.09 28.20 28.47
N GLU B 106 17.57 27.31 29.30
CA GLU B 106 17.65 27.47 30.76
C GLU B 106 18.93 26.94 31.38
N ILE B 107 19.74 26.25 30.59
CA ILE B 107 21.00 25.70 31.09
C ILE B 107 22.14 26.50 30.46
N PRO B 108 22.73 27.43 31.23
CA PRO B 108 23.83 28.27 30.75
C PRO B 108 24.91 27.58 29.92
N GLU B 109 25.46 26.49 30.42
CA GLU B 109 26.49 25.75 29.69
C GLU B 109 26.00 25.31 28.32
N LEU B 110 24.75 24.87 28.26
CA LEU B 110 24.12 24.42 27.01
C LEU B 110 23.65 25.59 26.14
N HIS B 111 22.98 26.56 26.76
CA HIS B 111 22.51 27.72 26.02
C HIS B 111 23.68 28.41 25.34
N ALA B 112 24.84 28.37 25.97
CA ALA B 112 26.03 29.00 25.42
C ALA B 112 26.46 28.43 24.08
N VAL B 113 26.20 27.14 23.85
CA VAL B 113 26.56 26.51 22.58
C VAL B 113 25.31 26.14 21.77
N SER B 114 24.23 26.86 22.04
CA SER B 114 22.96 26.65 21.37
C SER B 114 23.04 26.64 19.84
N GLU B 115 23.84 27.54 19.28
CA GLU B 115 23.98 27.62 17.84
C GLU B 115 24.82 26.48 17.23
N PHE B 116 25.23 25.54 18.07
CA PHE B 116 25.99 24.39 17.58
C PHE B 116 25.04 23.21 17.42
N ILE B 117 23.79 23.42 17.81
CA ILE B 117 22.78 22.39 17.66
C ILE B 117 22.56 22.34 16.15
N HIS B 118 22.65 21.15 15.57
CA HIS B 118 22.48 20.96 14.13
C HIS B 118 23.64 21.57 13.34
N PHE B 119 24.75 21.81 14.01
CA PHE B 119 25.92 22.42 13.35
C PHE B 119 26.38 21.71 12.07
N ALA B 120 26.38 22.45 10.96
CA ALA B 120 26.81 21.96 9.66
C ALA B 120 25.94 20.83 9.07
N CYS B 121 24.91 20.43 9.81
CA CYS B 121 24.04 19.34 9.34
C CYS B 121 23.00 19.74 8.31
N THR B 122 22.56 18.76 7.53
CA THR B 122 21.48 18.99 6.59
C THR B 122 20.39 18.10 7.21
N SER B 123 19.12 18.39 6.93
CA SER B 123 18.04 17.61 7.52
C SER B 123 18.20 16.11 7.33
N GLU B 124 18.63 15.70 6.14
CA GLU B 124 18.80 14.28 5.87
C GLU B 124 19.85 13.59 6.74
N ASP B 125 20.80 14.36 7.30
CA ASP B 125 21.80 13.74 8.17
C ASP B 125 21.06 13.21 9.39
N ILE B 126 20.04 13.96 9.81
CA ILE B 126 19.21 13.57 10.96
C ILE B 126 18.19 12.51 10.55
N ASN B 127 17.49 12.73 9.44
CA ASN B 127 16.48 11.79 8.97
C ASN B 127 16.97 10.38 8.69
N ASN B 128 18.04 10.24 7.89
CA ASN B 128 18.51 8.90 7.55
C ASN B 128 18.98 8.09 8.76
N LEU B 129 19.64 8.74 9.71
CA LEU B 129 20.07 8.01 10.90
C LEU B 129 18.84 7.62 11.72
N SER B 130 17.81 8.46 11.69
CA SER B 130 16.57 8.15 12.40
C SER B 130 15.91 6.94 11.73
N HIS B 131 15.89 6.94 10.39
CA HIS B 131 15.31 5.82 9.64
C HIS B 131 16.08 4.53 9.95
N ALA B 132 17.41 4.62 9.99
CA ALA B 132 18.23 3.45 10.29
C ALA B 132 17.87 2.88 11.66
N LEU B 133 17.78 3.75 12.66
CA LEU B 133 17.44 3.30 14.02
C LEU B 133 16.05 2.70 14.08
N MET B 134 15.11 3.27 13.33
CA MET B 134 13.76 2.76 13.31
C MET B 134 13.72 1.33 12.76
N LEU B 135 14.36 1.14 11.61
CA LEU B 135 14.40 -0.17 10.96
C LEU B 135 15.16 -1.21 11.78
N LYS B 136 16.29 -0.82 12.36
CA LYS B 136 17.09 -1.74 13.16
C LYS B 136 16.27 -2.17 14.38
N THR B 137 15.58 -1.22 15.00
CA THR B 137 14.76 -1.53 16.18
C THR B 137 13.65 -2.50 15.78
N ALA B 138 12.95 -2.17 14.71
CA ALA B 138 11.87 -3.02 14.24
C ALA B 138 12.36 -4.42 13.91
N ARG B 139 13.47 -4.53 13.19
CA ARG B 139 14.01 -5.84 12.84
C ARG B 139 14.39 -6.66 14.07
N ASP B 140 15.27 -6.10 14.89
CA ASP B 140 15.78 -6.80 16.05
C ASP B 140 14.83 -7.05 17.21
N GLU B 141 13.87 -6.17 17.41
CA GLU B 141 12.94 -6.30 18.52
C GLU B 141 11.55 -6.80 18.15
N VAL B 142 11.16 -6.63 16.89
CA VAL B 142 9.82 -7.03 16.51
C VAL B 142 9.70 -8.06 15.41
N ILE B 143 10.30 -7.77 14.26
CA ILE B 143 10.19 -8.67 13.11
C ILE B 143 10.81 -10.05 13.31
N LEU B 144 12.09 -10.10 13.68
CA LEU B 144 12.76 -11.38 13.89
C LEU B 144 12.10 -12.24 14.97
N PRO B 145 11.60 -11.63 16.06
CA PRO B 145 10.96 -12.46 17.08
C PRO B 145 9.70 -13.16 16.56
N TYR B 146 8.91 -12.49 15.72
CA TYR B 146 7.72 -13.15 15.16
C TYR B 146 8.18 -14.23 14.18
N TRP B 147 9.24 -13.95 13.43
CA TRP B 147 9.76 -14.94 12.49
C TRP B 147 10.21 -16.18 13.25
N ARG B 148 10.88 -15.98 14.39
CA ARG B 148 11.33 -17.12 15.18
C ARG B 148 10.14 -17.92 15.70
N GLN B 149 9.08 -17.22 16.10
CA GLN B 149 7.88 -17.90 16.59
C GLN B 149 7.27 -18.75 15.47
N LEU B 150 7.20 -18.18 14.27
CA LEU B 150 6.65 -18.89 13.13
C LEU B 150 7.52 -20.12 12.80
N ILE B 151 8.83 -19.93 12.78
CA ILE B 151 9.75 -21.03 12.49
C ILE B 151 9.60 -22.15 13.52
N ASP B 152 9.65 -21.78 14.80
CA ASP B 152 9.50 -22.75 15.88
C ASP B 152 8.13 -23.41 15.81
N GLY B 153 7.12 -22.63 15.45
CA GLY B 153 5.78 -23.17 15.34
C GLY B 153 5.72 -24.24 14.26
N LEU B 154 6.28 -23.93 13.09
CA LEU B 154 6.31 -24.86 11.97
C LEU B 154 7.13 -26.09 12.34
N LYS B 155 8.22 -25.90 13.07
CA LYS B 155 9.04 -27.04 13.47
C LYS B 155 8.26 -27.93 14.45
N ASP B 156 7.50 -27.32 15.35
CA ASP B 156 6.71 -28.10 16.30
C ASP B 156 5.67 -28.94 15.56
N LEU B 157 5.08 -28.37 14.52
CA LEU B 157 4.10 -29.11 13.74
C LEU B 157 4.76 -30.27 13.01
N ALA B 158 5.96 -30.03 12.49
CA ALA B 158 6.71 -31.05 11.76
C ALA B 158 6.98 -32.26 12.66
N VAL B 159 7.44 -32.00 13.86
CA VAL B 159 7.74 -33.07 14.81
C VAL B 159 6.46 -33.75 15.25
N GLN B 160 5.48 -32.94 15.62
CA GLN B 160 4.21 -33.46 16.07
C GLN B 160 3.57 -34.39 15.03
N TYR B 161 3.64 -34.00 13.76
CA TYR B 161 3.02 -34.76 12.68
C TYR B 161 4.01 -35.48 11.76
N ARG B 162 5.21 -35.75 12.28
CA ARG B 162 6.28 -36.40 11.52
C ARG B 162 5.92 -37.69 10.78
N ASP B 163 5.08 -38.52 11.38
CA ASP B 163 4.74 -39.79 10.76
C ASP B 163 3.30 -39.96 10.30
N ILE B 164 2.57 -38.85 10.17
CA ILE B 164 1.21 -38.90 9.69
C ILE B 164 1.20 -38.86 8.16
N PRO B 165 0.84 -39.98 7.50
CA PRO B 165 0.81 -40.06 6.03
C PRO B 165 -0.14 -39.06 5.39
N LEU B 166 0.23 -38.61 4.19
CA LEU B 166 -0.57 -37.64 3.45
C LEU B 166 -0.57 -37.95 1.96
N LEU B 167 -1.75 -37.93 1.35
CA LEU B 167 -1.83 -38.13 -0.08
C LEU B 167 -1.42 -36.79 -0.68
N SER B 168 -0.22 -36.74 -1.26
CA SER B 168 0.28 -35.52 -1.86
C SER B 168 -0.59 -35.12 -3.05
N ARG B 169 -0.49 -33.84 -3.41
CA ARG B 169 -1.23 -33.29 -4.53
C ARG B 169 -0.29 -32.47 -5.40
N THR B 170 -0.10 -32.90 -6.64
CA THR B 170 0.73 -32.17 -7.59
C THR B 170 -0.21 -31.87 -8.76
N ALA B 171 -0.26 -30.60 -9.16
CA ALA B 171 -1.18 -30.18 -10.20
C ALA B 171 -2.59 -30.46 -9.64
N GLY B 172 -2.68 -30.48 -8.31
CA GLY B 172 -3.95 -30.70 -7.62
C GLY B 172 -4.41 -32.14 -7.56
N GLN B 173 -3.68 -33.03 -8.24
CA GLN B 173 -4.02 -34.45 -8.32
C GLN B 173 -3.27 -35.39 -7.38
N PRO B 174 -3.94 -36.47 -6.93
CA PRO B 174 -3.34 -37.45 -6.02
C PRO B 174 -2.00 -37.93 -6.55
N ALA B 175 -1.00 -37.86 -5.68
CA ALA B 175 0.35 -38.23 -6.05
C ALA B 175 1.09 -38.96 -4.93
N THR B 176 2.33 -39.33 -5.24
CA THR B 176 3.22 -40.02 -4.31
C THR B 176 3.08 -39.43 -2.91
N PRO B 177 2.79 -40.26 -1.91
CA PRO B 177 2.63 -39.78 -0.54
C PRO B 177 3.84 -39.15 0.17
N SER B 178 3.53 -38.40 1.22
CA SER B 178 4.54 -37.75 2.05
C SER B 178 3.91 -37.80 3.44
N THR B 179 4.43 -37.01 4.38
CA THR B 179 3.82 -36.95 5.70
C THR B 179 3.49 -35.48 5.95
N ILE B 180 2.50 -35.25 6.80
CA ILE B 180 2.10 -33.90 7.15
C ILE B 180 3.33 -33.18 7.71
N GLY B 181 4.06 -33.87 8.58
CA GLY B 181 5.25 -33.31 9.18
C GLY B 181 6.32 -32.89 8.17
N LYS B 182 6.57 -33.72 7.17
CA LYS B 182 7.57 -33.37 6.15
C LYS B 182 7.16 -32.08 5.45
N GLU B 183 5.87 -31.97 5.13
CA GLU B 183 5.37 -30.78 4.45
C GLU B 183 5.53 -29.52 5.30
N MET B 184 5.48 -29.67 6.61
CA MET B 184 5.67 -28.55 7.51
C MET B 184 7.16 -28.22 7.54
N ALA B 185 7.99 -29.26 7.57
CA ALA B 185 9.44 -29.09 7.62
C ALA B 185 9.98 -28.30 6.43
N ASN B 186 9.43 -28.55 5.23
CA ASN B 186 9.89 -27.82 4.04
C ASN B 186 9.75 -26.32 4.25
N VAL B 187 8.64 -25.92 4.86
CA VAL B 187 8.37 -24.50 5.11
C VAL B 187 9.33 -23.91 6.15
N ALA B 188 9.55 -24.62 7.25
CA ALA B 188 10.46 -24.12 8.29
C ALA B 188 11.84 -23.84 7.68
N TYR B 189 12.31 -24.76 6.85
CA TYR B 189 13.62 -24.62 6.21
C TYR B 189 13.70 -23.35 5.35
N ARG B 190 12.67 -23.10 4.56
CA ARG B 190 12.62 -21.91 3.72
C ARG B 190 12.58 -20.63 4.58
N MET B 191 11.78 -20.65 5.64
CA MET B 191 11.68 -19.48 6.53
C MET B 191 13.04 -19.17 7.17
N GLU B 192 13.76 -20.23 7.54
CA GLU B 192 15.05 -20.10 8.18
C GLU B 192 16.07 -19.44 7.24
N ARG B 193 15.99 -19.76 5.96
CA ARG B 193 16.90 -19.17 4.98
C ARG B 193 16.69 -17.66 4.97
N GLN B 194 15.43 -17.24 4.95
CA GLN B 194 15.12 -15.81 4.92
C GLN B 194 15.49 -15.12 6.23
N TYR B 195 15.31 -15.82 7.35
CA TYR B 195 15.64 -15.29 8.66
C TYR B 195 17.12 -14.90 8.67
N ARG B 196 17.95 -15.83 8.22
CA ARG B 196 19.39 -15.63 8.16
C ARG B 196 19.70 -14.43 7.28
N GLN B 197 19.04 -14.36 6.14
CA GLN B 197 19.26 -13.25 5.21
C GLN B 197 18.84 -11.90 5.80
N LEU B 198 17.67 -11.85 6.42
CA LEU B 198 17.21 -10.58 7.01
C LEU B 198 18.19 -10.13 8.10
N ASN B 199 18.67 -11.08 8.87
CA ASN B 199 19.59 -10.78 9.95
C ASN B 199 20.92 -10.26 9.46
N GLN B 200 21.27 -10.61 8.22
CA GLN B 200 22.54 -10.18 7.63
C GLN B 200 22.46 -8.92 6.79
N VAL B 201 21.25 -8.40 6.58
CA VAL B 201 21.09 -7.19 5.79
C VAL B 201 21.77 -6.03 6.49
N GLU B 202 22.51 -5.22 5.74
CA GLU B 202 23.19 -4.07 6.33
C GLU B 202 22.19 -2.94 6.54
N ILE B 203 22.32 -2.24 7.66
CA ILE B 203 21.46 -1.10 7.94
C ILE B 203 22.45 0.07 7.91
N LEU B 204 22.36 0.84 6.84
CA LEU B 204 23.28 1.95 6.60
C LEU B 204 22.85 3.32 7.07
N GLY B 205 23.86 4.15 7.35
CA GLY B 205 23.61 5.50 7.82
C GLY B 205 24.75 6.39 7.35
N LYS B 206 24.48 7.69 7.25
CA LYS B 206 25.49 8.64 6.81
C LYS B 206 25.31 9.97 7.51
N ILE B 207 26.33 10.83 7.40
CA ILE B 207 26.28 12.18 7.94
C ILE B 207 27.42 12.92 7.23
N ASN B 208 27.04 13.83 6.34
CA ASN B 208 28.03 14.55 5.55
C ASN B 208 27.58 15.88 4.95
N GLY B 209 26.48 16.45 5.45
CA GLY B 209 26.04 17.73 4.94
C GLY B 209 25.13 17.77 3.72
N ALA B 210 24.78 19.00 3.33
CA ALA B 210 23.88 19.32 2.21
C ALA B 210 23.84 18.38 1.01
N VAL B 211 25.01 18.09 0.43
CA VAL B 211 25.07 17.23 -0.74
C VAL B 211 26.05 16.06 -0.61
N GLY B 212 26.54 15.86 0.62
CA GLY B 212 27.45 14.75 0.88
C GLY B 212 28.95 14.98 0.82
N ASN B 213 29.40 16.24 0.82
CA ASN B 213 30.83 16.51 0.75
C ASN B 213 31.41 17.30 1.92
N TYR B 214 30.66 17.37 3.03
CA TYR B 214 31.11 18.10 4.21
C TYR B 214 31.44 19.56 3.92
N ASN B 215 30.83 20.14 2.89
CA ASN B 215 31.12 21.53 2.52
C ASN B 215 31.09 22.49 3.71
N ALA B 216 29.95 22.55 4.40
CA ALA B 216 29.79 23.44 5.55
C ALA B 216 30.75 23.13 6.70
N HIS B 217 31.00 21.84 6.94
CA HIS B 217 31.89 21.44 8.02
C HIS B 217 33.30 22.01 7.76
N ILE B 218 33.81 21.74 6.57
CA ILE B 218 35.15 22.17 6.19
C ILE B 218 35.29 23.68 6.12
N ALA B 219 34.21 24.36 5.71
CA ALA B 219 34.24 25.81 5.63
C ALA B 219 34.55 26.44 6.99
N ALA B 220 33.97 25.89 8.05
CA ALA B 220 34.17 26.42 9.39
C ALA B 220 35.35 25.81 10.16
N TYR B 221 35.56 24.51 9.99
CA TYR B 221 36.66 23.81 10.66
C TYR B 221 37.46 22.99 9.65
N PRO B 222 38.28 23.66 8.83
CA PRO B 222 39.08 22.97 7.82
C PRO B 222 40.14 22.04 8.37
N GLU B 223 40.41 22.14 9.67
CA GLU B 223 41.43 21.31 10.30
C GLU B 223 40.90 19.99 10.88
N VAL B 224 39.58 19.89 10.99
CA VAL B 224 38.99 18.67 11.52
C VAL B 224 38.79 17.66 10.40
N ASP B 225 39.09 16.40 10.67
CA ASP B 225 38.91 15.34 9.69
C ASP B 225 37.44 14.95 9.82
N TRP B 226 36.59 15.54 8.98
CA TRP B 226 35.17 15.25 9.05
C TRP B 226 34.76 13.90 8.52
N HIS B 227 35.57 13.33 7.64
CA HIS B 227 35.27 12.02 7.09
C HIS B 227 35.38 10.99 8.21
N GLN B 228 36.39 11.14 9.06
CA GLN B 228 36.60 10.24 10.19
C GLN B 228 35.50 10.48 11.23
N PHE B 229 35.21 11.76 11.46
CA PHE B 229 34.18 12.19 12.40
C PHE B 229 32.84 11.55 12.04
N SER B 230 32.53 11.52 10.75
CA SER B 230 31.30 10.93 10.24
C SER B 230 31.22 9.44 10.53
N GLU B 231 32.27 8.71 10.15
CA GLU B 231 32.30 7.28 10.38
C GLU B 231 32.16 6.97 11.87
N GLU B 232 32.86 7.72 12.72
CA GLU B 232 32.78 7.49 14.15
C GLU B 232 31.37 7.71 14.69
N PHE B 233 30.74 8.80 14.26
CA PHE B 233 29.40 9.13 14.71
C PHE B 233 28.37 8.07 14.35
N VAL B 234 28.31 7.72 13.07
CA VAL B 234 27.34 6.73 12.61
C VAL B 234 27.53 5.41 13.33
N THR B 235 28.77 4.95 13.41
CA THR B 235 29.06 3.69 14.10
C THR B 235 28.73 3.80 15.60
N SER B 236 28.93 4.96 16.18
CA SER B 236 28.64 5.12 17.61
C SER B 236 27.14 4.90 17.88
N LEU B 237 26.32 5.05 16.85
CA LEU B 237 24.88 4.86 16.98
C LEU B 237 24.49 3.39 16.72
N GLY B 238 25.47 2.56 16.39
CA GLY B 238 25.19 1.16 16.13
C GLY B 238 24.73 0.93 14.70
N ILE B 239 25.01 1.89 13.83
CA ILE B 239 24.64 1.81 12.43
C ILE B 239 25.88 1.61 11.57
N GLN B 240 25.74 0.94 10.44
CA GLN B 240 26.89 0.72 9.58
C GLN B 240 27.05 1.97 8.71
N TRP B 241 28.29 2.37 8.48
CA TRP B 241 28.60 3.58 7.71
C TRP B 241 28.47 3.47 6.18
N ASN B 242 27.87 4.50 5.59
CA ASN B 242 27.72 4.61 4.13
C ASN B 242 28.47 5.90 3.81
N PRO B 243 29.73 5.79 3.37
CA PRO B 243 30.59 6.94 3.04
C PRO B 243 30.26 7.76 1.81
N TYR B 244 29.58 7.15 0.84
CA TYR B 244 29.26 7.86 -0.40
C TYR B 244 27.77 8.06 -0.61
N THR B 245 27.33 9.31 -0.49
CA THR B 245 25.93 9.65 -0.69
C THR B 245 25.78 11.07 -1.23
N THR B 246 24.56 11.41 -1.64
CA THR B 246 24.26 12.76 -2.10
C THR B 246 23.66 13.35 -0.82
N GLN B 247 22.60 14.16 -0.95
CA GLN B 247 21.99 14.71 0.24
C GLN B 247 21.34 13.60 1.06
N ILE B 248 20.84 12.58 0.37
CA ILE B 248 20.17 11.46 1.06
C ILE B 248 21.00 10.19 1.11
N GLU B 249 20.69 9.33 2.08
CA GLU B 249 21.31 8.02 2.14
C GLU B 249 20.48 7.45 0.97
N PRO B 250 21.13 6.81 -0.01
CA PRO B 250 20.43 6.25 -1.19
C PRO B 250 19.27 5.26 -1.03
N HIS B 251 19.11 4.68 0.16
CA HIS B 251 18.02 3.74 0.44
C HIS B 251 18.12 2.35 -0.19
N ASP B 252 19.29 1.98 -0.72
CA ASP B 252 19.41 0.64 -1.31
C ASP B 252 19.20 -0.44 -0.24
N TYR B 253 19.72 -0.21 0.96
CA TYR B 253 19.58 -1.21 2.03
C TYR B 253 18.14 -1.38 2.50
N ILE B 254 17.31 -0.35 2.31
CA ILE B 254 15.92 -0.51 2.71
C ILE B 254 15.29 -1.48 1.70
N ALA B 255 15.67 -1.36 0.43
CA ALA B 255 15.14 -2.27 -0.58
C ALA B 255 15.61 -3.67 -0.23
N GLU B 256 16.87 -3.77 0.20
CA GLU B 256 17.44 -5.07 0.58
C GLU B 256 16.66 -5.68 1.75
N LEU B 257 16.35 -4.84 2.73
CA LEU B 257 15.61 -5.26 3.92
C LEU B 257 14.19 -5.68 3.55
N PHE B 258 13.51 -4.83 2.79
CA PHE B 258 12.13 -5.09 2.38
C PHE B 258 12.01 -6.26 1.39
N ASP B 259 13.04 -6.45 0.56
CA ASP B 259 12.99 -7.56 -0.38
C ASP B 259 13.01 -8.88 0.39
N CYS B 260 13.81 -8.97 1.45
CA CYS B 260 13.84 -10.22 2.19
C CYS B 260 12.56 -10.43 2.99
N VAL B 261 11.98 -9.35 3.52
CA VAL B 261 10.72 -9.46 4.27
C VAL B 261 9.63 -9.96 3.32
N ALA B 262 9.62 -9.43 2.10
CA ALA B 262 8.62 -9.82 1.11
C ALA B 262 8.77 -11.30 0.73
N ARG B 263 10.01 -11.78 0.67
CA ARG B 263 10.25 -13.19 0.32
C ARG B 263 9.70 -14.07 1.44
N PHE B 264 9.90 -13.64 2.69
CA PHE B 264 9.40 -14.41 3.82
C PHE B 264 7.87 -14.40 3.76
N ASN B 265 7.30 -13.21 3.54
CA ASN B 265 5.86 -13.07 3.45
C ASN B 265 5.32 -13.98 2.35
N THR B 266 6.06 -14.08 1.25
CA THR B 266 5.63 -14.92 0.13
C THR B 266 5.59 -16.39 0.54
N ILE B 267 6.58 -16.82 1.32
CA ILE B 267 6.60 -18.20 1.81
C ILE B 267 5.38 -18.40 2.73
N LEU B 268 5.05 -17.39 3.52
CA LEU B 268 3.93 -17.50 4.43
C LEU B 268 2.59 -17.54 3.69
N ILE B 269 2.49 -16.80 2.60
CA ILE B 269 1.26 -16.79 1.80
C ILE B 269 1.05 -18.21 1.27
N ASP B 270 2.14 -18.80 0.77
CA ASP B 270 2.13 -20.16 0.25
C ASP B 270 1.66 -21.10 1.37
N PHE B 271 2.12 -20.85 2.59
CA PHE B 271 1.74 -21.67 3.75
C PHE B 271 0.26 -21.48 4.09
N ASP B 272 -0.17 -20.22 4.21
CA ASP B 272 -1.58 -19.93 4.52
C ASP B 272 -2.50 -20.61 3.52
N ARG B 273 -2.14 -20.55 2.24
CA ARG B 273 -2.95 -21.16 1.19
C ARG B 273 -2.97 -22.68 1.28
N ASP B 274 -1.81 -23.29 1.50
CA ASP B 274 -1.74 -24.75 1.62
C ASP B 274 -2.59 -25.26 2.79
N VAL B 275 -2.46 -24.62 3.94
CA VAL B 275 -3.24 -25.03 5.12
C VAL B 275 -4.74 -24.84 4.86
N TRP B 276 -5.10 -23.73 4.22
CA TRP B 276 -6.49 -23.45 3.87
C TRP B 276 -7.00 -24.66 3.08
N GLY B 277 -6.15 -25.14 2.17
CA GLY B 277 -6.50 -26.29 1.35
C GLY B 277 -6.57 -27.61 2.11
N TYR B 278 -5.66 -27.80 3.06
CA TYR B 278 -5.67 -29.04 3.83
C TYR B 278 -6.93 -29.07 4.66
N ILE B 279 -7.34 -27.91 5.13
CA ILE B 279 -8.55 -27.77 5.91
C ILE B 279 -9.77 -28.02 5.00
N ALA B 280 -9.69 -27.54 3.77
CA ALA B 280 -10.78 -27.73 2.81
C ALA B 280 -10.98 -29.23 2.56
N LEU B 281 -9.87 -29.96 2.51
CA LEU B 281 -9.88 -31.39 2.27
C LEU B 281 -10.20 -32.19 3.53
N ASN B 282 -10.39 -31.50 4.65
CA ASN B 282 -10.69 -32.14 5.92
C ASN B 282 -9.51 -32.92 6.49
N HIS B 283 -8.29 -32.49 6.14
CA HIS B 283 -7.08 -33.14 6.65
C HIS B 283 -6.81 -32.56 8.04
N PHE B 284 -7.44 -31.42 8.31
CA PHE B 284 -7.33 -30.74 9.60
C PHE B 284 -8.70 -30.25 10.03
N LYS B 285 -8.96 -30.27 11.32
CA LYS B 285 -10.20 -29.73 11.87
C LYS B 285 -9.73 -28.51 12.65
N GLN B 286 -10.65 -27.61 12.99
CA GLN B 286 -10.26 -26.41 13.72
C GLN B 286 -10.95 -26.32 15.07
N LYS B 287 -10.20 -25.98 16.10
CA LYS B 287 -10.76 -25.84 17.44
C LYS B 287 -11.75 -24.68 17.41
N THR B 288 -12.80 -24.77 18.23
CA THR B 288 -13.82 -23.74 18.29
C THR B 288 -13.95 -23.14 19.69
N ILE B 289 -14.23 -21.85 19.76
CA ILE B 289 -14.37 -21.15 21.03
C ILE B 289 -15.83 -20.88 21.36
N ALA B 290 -16.27 -21.32 22.53
CA ALA B 290 -17.65 -21.15 22.98
C ALA B 290 -18.12 -19.70 22.83
N GLY B 291 -19.34 -19.53 22.33
CA GLY B 291 -19.89 -18.20 22.16
C GLY B 291 -19.66 -17.59 20.79
N GLU B 292 -18.54 -17.95 20.15
CA GLU B 292 -18.25 -17.41 18.84
C GLU B 292 -19.25 -17.92 17.80
N ILE B 293 -19.30 -17.23 16.66
CA ILE B 293 -20.20 -17.59 15.58
C ILE B 293 -19.44 -17.67 14.25
N GLY B 294 -19.45 -18.85 13.65
CA GLY B 294 -18.75 -19.03 12.40
C GLY B 294 -19.50 -18.42 11.24
N MET B 298 -25.49 -19.95 7.71
CA MET B 298 -24.94 -21.32 7.79
C MET B 298 -24.32 -21.57 9.16
N PRO B 299 -25.14 -22.03 10.12
CA PRO B 299 -24.80 -22.32 11.52
C PRO B 299 -23.80 -23.46 11.76
N HIS B 300 -23.57 -24.30 10.75
CA HIS B 300 -22.67 -25.43 10.89
C HIS B 300 -21.17 -25.17 10.67
N LYS B 301 -20.86 -24.22 9.81
CA LYS B 301 -19.47 -23.94 9.45
C LYS B 301 -18.46 -23.42 10.48
N VAL B 302 -17.22 -23.85 10.26
CA VAL B 302 -16.06 -23.44 11.05
C VAL B 302 -15.08 -23.08 9.94
N ASN B 303 -14.83 -21.78 9.78
CA ASN B 303 -13.94 -21.27 8.73
C ASN B 303 -12.52 -20.92 9.19
N PRO B 304 -11.51 -21.22 8.34
CA PRO B 304 -10.09 -20.95 8.62
C PRO B 304 -9.78 -19.45 8.47
N ILE B 305 -10.61 -18.63 9.10
CA ILE B 305 -10.46 -17.18 9.01
C ILE B 305 -9.10 -16.61 9.41
N ASP B 306 -8.41 -17.28 10.34
CA ASP B 306 -7.11 -16.77 10.75
C ASP B 306 -6.09 -16.82 9.61
N PHE B 307 -6.04 -17.94 8.88
CA PHE B 307 -5.10 -18.06 7.77
C PHE B 307 -5.50 -17.13 6.64
N GLU B 308 -6.80 -16.93 6.48
CA GLU B 308 -7.31 -16.06 5.42
C GLU B 308 -6.98 -14.60 5.74
N ASN B 309 -7.16 -14.21 6.99
CA ASN B 309 -6.84 -12.86 7.41
C ASN B 309 -5.35 -12.61 7.16
N SER B 310 -4.52 -13.58 7.53
CA SER B 310 -3.07 -13.48 7.34
C SER B 310 -2.74 -13.33 5.86
N GLU B 311 -3.31 -14.23 5.04
CA GLU B 311 -3.06 -14.21 3.59
C GLU B 311 -3.38 -12.84 2.99
N GLY B 312 -4.54 -12.30 3.35
CA GLY B 312 -4.92 -10.99 2.83
C GLY B 312 -3.96 -9.89 3.22
N ASN B 313 -3.54 -9.87 4.48
CA ASN B 313 -2.62 -8.84 4.94
C ASN B 313 -1.21 -8.99 4.40
N LEU B 314 -0.82 -10.21 4.07
CA LEU B 314 0.52 -10.44 3.52
C LEU B 314 0.59 -9.83 2.12
N GLY B 315 -0.52 -9.92 1.38
CA GLY B 315 -0.55 -9.35 0.04
C GLY B 315 -0.41 -7.84 0.12
N LEU B 316 -1.11 -7.25 1.10
CA LEU B 316 -1.07 -5.81 1.31
C LEU B 316 0.34 -5.41 1.74
N SER B 317 0.90 -6.16 2.68
CA SER B 317 2.24 -5.89 3.15
C SER B 317 3.23 -5.82 1.98
N ASN B 318 3.26 -6.86 1.15
CA ASN B 318 4.17 -6.88 0.02
C ASN B 318 3.94 -5.75 -0.97
N ALA B 319 2.68 -5.37 -1.17
CA ALA B 319 2.37 -4.28 -2.09
C ALA B 319 3.09 -3.01 -1.65
N VAL B 320 3.05 -2.74 -0.34
CA VAL B 320 3.69 -1.55 0.21
C VAL B 320 5.21 -1.65 0.24
N LEU B 321 5.72 -2.76 0.78
CA LEU B 321 7.16 -2.98 0.88
C LEU B 321 7.85 -2.89 -0.46
N GLN B 322 7.26 -3.50 -1.48
CA GLN B 322 7.91 -3.49 -2.78
C GLN B 322 7.79 -2.13 -3.47
N HIS B 323 6.74 -1.38 -3.17
CA HIS B 323 6.65 -0.05 -3.78
C HIS B 323 7.80 0.77 -3.20
N LEU B 324 7.98 0.69 -1.87
CA LEU B 324 9.05 1.45 -1.24
C LEU B 324 10.41 0.98 -1.72
N ALA B 325 10.58 -0.32 -1.82
CA ALA B 325 11.84 -0.89 -2.27
C ALA B 325 12.22 -0.41 -3.67
N SER B 326 11.24 -0.35 -4.57
CA SER B 326 11.52 0.05 -5.95
C SER B 326 11.53 1.56 -6.20
N LYS B 327 10.76 2.31 -5.41
CA LYS B 327 10.68 3.76 -5.61
C LYS B 327 11.70 4.59 -4.84
N LEU B 328 11.98 4.21 -3.59
CA LEU B 328 12.90 4.98 -2.77
C LEU B 328 14.32 5.23 -3.29
N PRO B 329 14.97 4.21 -3.89
CA PRO B 329 16.35 4.43 -4.39
C PRO B 329 16.53 5.31 -5.63
N VAL B 330 15.44 5.85 -6.16
CA VAL B 330 15.50 6.72 -7.33
C VAL B 330 15.15 8.14 -6.86
N SER B 331 16.11 9.05 -6.89
CA SER B 331 15.88 10.42 -6.43
C SER B 331 16.57 11.39 -7.40
N ARG B 332 15.82 12.36 -7.91
CA ARG B 332 16.37 13.29 -8.89
C ARG B 332 17.62 14.06 -8.45
N TRP B 333 18.66 13.96 -9.26
CA TRP B 333 19.93 14.62 -9.00
C TRP B 333 20.43 14.40 -7.57
N GLN B 334 20.75 15.47 -6.84
CA GLN B 334 21.25 15.27 -5.49
C GLN B 334 20.15 14.92 -4.47
N ARG B 335 18.94 14.73 -5.01
CA ARG B 335 17.71 14.30 -4.33
C ARG B 335 16.47 15.15 -4.57
N ASP B 336 15.33 14.49 -4.62
CA ASP B 336 14.05 15.19 -4.71
C ASP B 336 13.37 14.77 -3.41
N LEU B 337 12.42 15.57 -2.94
CA LEU B 337 11.78 15.28 -1.66
C LEU B 337 10.61 14.28 -1.64
N THR B 338 10.37 13.58 -2.75
CA THR B 338 9.28 12.62 -2.76
C THR B 338 9.50 11.48 -1.79
N ASP B 339 10.75 11.20 -1.42
CA ASP B 339 10.98 10.11 -0.48
C ASP B 339 10.59 10.43 0.96
N SER B 340 10.58 11.71 1.32
CA SER B 340 10.23 12.08 2.68
C SER B 340 8.86 11.54 3.10
N THR B 341 7.82 11.90 2.37
CA THR B 341 6.48 11.44 2.72
C THR B 341 6.36 9.91 2.63
N VAL B 342 7.06 9.33 1.66
CA VAL B 342 7.02 7.89 1.48
C VAL B 342 7.65 7.16 2.67
N LEU B 343 8.77 7.69 3.18
CA LEU B 343 9.45 7.07 4.33
C LEU B 343 8.65 7.12 5.62
N ARG B 344 7.54 7.87 5.60
CA ARG B 344 6.67 7.95 6.77
C ARG B 344 5.81 6.69 6.78
N ASN B 345 5.96 5.87 5.76
CA ASN B 345 5.19 4.62 5.63
C ASN B 345 6.02 3.34 5.81
N LEU B 346 7.23 3.49 6.34
CA LEU B 346 8.08 2.33 6.59
C LEU B 346 7.34 1.33 7.48
N GLY B 347 6.62 1.85 8.47
CA GLY B 347 5.90 0.98 9.39
C GLY B 347 4.61 0.38 8.86
N VAL B 348 4.06 0.97 7.80
CA VAL B 348 2.83 0.47 7.20
C VAL B 348 3.02 -0.94 6.62
N GLY B 349 4.03 -1.10 5.77
CA GLY B 349 4.29 -2.40 5.18
C GLY B 349 4.60 -3.43 6.26
N ILE B 350 5.39 -3.02 7.24
CA ILE B 350 5.76 -3.90 8.34
C ILE B 350 4.52 -4.23 9.18
N GLY B 351 3.67 -3.23 9.38
CA GLY B 351 2.45 -3.41 10.16
C GLY B 351 1.52 -4.48 9.59
N TYR B 352 1.29 -4.47 8.28
CA TYR B 352 0.43 -5.48 7.67
C TYR B 352 1.04 -6.86 7.91
N ALA B 353 2.37 -6.94 7.79
CA ALA B 353 3.07 -8.19 8.00
C ALA B 353 2.88 -8.70 9.43
N LEU B 354 3.05 -7.81 10.43
CA LEU B 354 2.91 -8.21 11.81
C LEU B 354 1.50 -8.74 12.10
N ILE B 355 0.50 -8.09 11.53
CA ILE B 355 -0.88 -8.50 11.71
C ILE B 355 -1.05 -9.92 11.19
N ALA B 356 -0.48 -10.17 10.01
CA ALA B 356 -0.54 -11.47 9.37
C ALA B 356 0.20 -12.55 10.15
N TYR B 357 1.35 -12.21 10.72
CA TYR B 357 2.12 -13.21 11.47
C TYR B 357 1.30 -13.68 12.67
N GLN B 358 0.68 -12.74 13.37
CA GLN B 358 -0.13 -13.07 14.53
C GLN B 358 -1.36 -13.89 14.13
N SER B 359 -1.96 -13.56 12.99
CA SER B 359 -3.13 -14.31 12.52
C SER B 359 -2.75 -15.76 12.21
N THR B 360 -1.61 -15.97 11.54
CA THR B 360 -1.18 -17.33 11.22
C THR B 360 -0.92 -18.12 12.50
N LEU B 361 -0.23 -17.51 13.45
CA LEU B 361 0.06 -18.17 14.72
C LEU B 361 -1.26 -18.53 15.41
N LYS B 362 -2.23 -17.63 15.34
CA LYS B 362 -3.53 -17.88 15.95
C LYS B 362 -4.18 -19.08 15.24
N GLY B 363 -4.13 -19.07 13.90
CA GLY B 363 -4.70 -20.17 13.15
C GLY B 363 -4.00 -21.49 13.44
N VAL B 364 -2.67 -21.45 13.52
CA VAL B 364 -1.87 -22.65 13.81
C VAL B 364 -2.24 -23.25 15.16
N SER B 365 -2.49 -22.40 16.15
CA SER B 365 -2.84 -22.87 17.50
C SER B 365 -4.16 -23.63 17.52
N LYS B 366 -4.98 -23.45 16.49
CA LYS B 366 -6.28 -24.11 16.43
C LYS B 366 -6.30 -25.40 15.61
N LEU B 367 -5.19 -25.71 14.95
CA LEU B 367 -5.13 -26.92 14.12
C LEU B 367 -5.27 -28.22 14.87
N GLU B 368 -6.04 -29.14 14.28
CA GLU B 368 -6.27 -30.46 14.84
C GLU B 368 -6.24 -31.43 13.66
N VAL B 369 -5.14 -32.15 13.51
CA VAL B 369 -4.97 -33.09 12.39
C VAL B 369 -6.02 -34.20 12.41
N ASN B 370 -6.53 -34.52 11.23
CA ASN B 370 -7.55 -35.57 11.07
C ASN B 370 -6.90 -36.81 10.46
N ARG B 371 -6.21 -37.57 11.29
CA ARG B 371 -5.53 -38.78 10.84
C ARG B 371 -6.50 -39.76 10.17
N ASP B 372 -7.71 -39.88 10.70
CA ASP B 372 -8.70 -40.78 10.13
C ASP B 372 -8.97 -40.47 8.67
N HIS B 373 -9.24 -39.20 8.36
CA HIS B 373 -9.51 -38.83 6.98
C HIS B 373 -8.28 -38.99 6.08
N LEU B 374 -7.13 -38.55 6.58
CA LEU B 374 -5.88 -38.67 5.82
C LEU B 374 -5.64 -40.10 5.39
N LEU B 375 -5.80 -41.04 6.34
CA LEU B 375 -5.60 -42.45 6.05
C LEU B 375 -6.69 -43.01 5.14
N ASP B 376 -7.94 -42.62 5.39
CA ASP B 376 -9.06 -43.09 4.58
C ASP B 376 -8.88 -42.66 3.13
N GLU B 377 -8.47 -41.41 2.93
CA GLU B 377 -8.27 -40.92 1.57
C GLU B 377 -7.18 -41.72 0.88
N LEU B 378 -6.06 -41.92 1.58
CA LEU B 378 -4.94 -42.68 1.03
C LEU B 378 -5.38 -44.06 0.57
N ASP B 379 -6.23 -44.70 1.38
CA ASP B 379 -6.72 -46.05 1.10
C ASP B 379 -7.62 -46.13 -0.13
N HIS B 380 -8.04 -44.98 -0.64
CA HIS B 380 -8.90 -44.93 -1.83
C HIS B 380 -8.10 -44.52 -3.07
N ASN B 381 -6.77 -44.50 -2.93
CA ASN B 381 -5.89 -44.10 -4.02
C ASN B 381 -4.71 -45.02 -4.22
N TRP B 382 -4.99 -46.30 -4.47
CA TRP B 382 -3.93 -47.27 -4.66
C TRP B 382 -3.17 -47.08 -5.97
N GLU B 383 -3.71 -46.28 -6.87
CA GLU B 383 -3.05 -46.04 -8.14
C GLU B 383 -1.69 -45.37 -7.97
N VAL B 384 -1.47 -44.74 -6.82
CA VAL B 384 -0.20 -44.08 -6.57
C VAL B 384 0.94 -45.07 -6.42
N LEU B 385 0.60 -46.36 -6.33
CA LEU B 385 1.64 -47.37 -6.22
C LEU B 385 2.18 -47.75 -7.60
N ALA B 386 1.62 -47.14 -8.64
CA ALA B 386 2.07 -47.42 -10.01
C ALA B 386 3.53 -47.01 -10.17
N GLU B 387 3.89 -45.89 -9.54
CA GLU B 387 5.26 -45.38 -9.61
C GLU B 387 6.30 -46.37 -9.07
N PRO B 388 6.14 -46.82 -7.82
CA PRO B 388 7.13 -47.76 -7.26
C PRO B 388 7.15 -49.11 -8.00
N ILE B 389 6.00 -49.57 -8.45
CA ILE B 389 5.92 -50.83 -9.18
C ILE B 389 6.76 -50.72 -10.46
N GLN B 390 6.52 -49.67 -11.25
CA GLN B 390 7.26 -49.50 -12.50
C GLN B 390 8.75 -49.27 -12.28
N THR B 391 9.11 -48.61 -11.18
CA THR B 391 10.50 -48.37 -10.88
C THR B 391 11.21 -49.68 -10.53
N VAL B 392 10.51 -50.56 -9.83
CA VAL B 392 11.09 -51.86 -9.49
C VAL B 392 11.23 -52.67 -10.78
N MET B 393 10.20 -52.61 -11.62
CA MET B 393 10.23 -53.33 -12.89
C MET B 393 11.45 -52.87 -13.70
N ARG B 394 11.70 -51.57 -13.72
CA ARG B 394 12.85 -51.03 -14.44
C ARG B 394 14.14 -51.61 -13.87
N ARG B 395 14.21 -51.75 -12.55
CA ARG B 395 15.41 -52.29 -11.94
C ARG B 395 15.74 -53.69 -12.42
N TYR B 396 14.73 -54.56 -12.48
CA TYR B 396 14.94 -55.93 -12.90
C TYR B 396 14.72 -56.21 -14.38
N GLY B 397 14.85 -55.17 -15.20
CA GLY B 397 14.73 -55.32 -16.64
C GLY B 397 13.44 -55.74 -17.30
N ILE B 398 12.30 -55.53 -16.64
CA ILE B 398 11.02 -55.90 -17.26
C ILE B 398 10.70 -54.82 -18.30
N GLU B 399 10.41 -55.25 -19.53
CA GLU B 399 10.11 -54.34 -20.63
C GLU B 399 8.92 -53.39 -20.46
N LYS B 400 9.03 -52.22 -21.08
CA LYS B 400 7.99 -51.18 -21.06
C LYS B 400 7.27 -51.05 -19.72
N PRO B 401 8.02 -50.92 -18.62
CA PRO B 401 7.41 -50.80 -17.29
C PRO B 401 6.47 -49.59 -17.11
N TYR B 402 6.97 -48.39 -17.36
CA TYR B 402 6.14 -47.20 -17.20
C TYR B 402 4.91 -47.32 -18.10
N GLU B 403 5.16 -47.76 -19.33
CA GLU B 403 4.08 -47.90 -20.30
C GLU B 403 3.01 -48.89 -19.84
N LYS B 404 3.42 -50.02 -19.27
CA LYS B 404 2.46 -51.00 -18.79
C LYS B 404 1.63 -50.44 -17.63
N LEU B 405 2.29 -49.72 -16.71
CA LEU B 405 1.56 -49.15 -15.59
C LEU B 405 0.63 -48.03 -16.05
N LYS B 406 1.01 -47.34 -17.12
CA LYS B 406 0.17 -46.27 -17.64
C LYS B 406 -1.11 -46.84 -18.22
N GLU B 407 -0.97 -47.94 -18.96
CA GLU B 407 -2.14 -48.60 -19.55
C GLU B 407 -3.08 -49.06 -18.46
N LEU B 408 -2.50 -49.47 -17.33
CA LEU B 408 -3.26 -49.97 -16.20
C LEU B 408 -3.98 -48.92 -15.34
N THR B 409 -3.34 -47.78 -15.11
CA THR B 409 -3.92 -46.79 -14.23
C THR B 409 -4.38 -45.43 -14.75
N ARG B 410 -3.76 -44.91 -15.82
CA ARG B 410 -4.15 -43.58 -16.29
C ARG B 410 -5.62 -43.44 -16.65
N GLY B 411 -6.31 -42.60 -15.89
CA GLY B 411 -7.73 -42.39 -16.13
C GLY B 411 -8.57 -43.59 -15.72
N LYS B 412 -8.00 -44.46 -14.89
CA LYS B 412 -8.73 -45.64 -14.43
C LYS B 412 -8.70 -45.79 -12.92
N ARG B 413 -9.77 -46.36 -12.38
CA ARG B 413 -9.85 -46.58 -10.93
C ARG B 413 -9.34 -47.98 -10.67
N VAL B 414 -8.28 -48.09 -9.87
CA VAL B 414 -7.71 -49.39 -9.54
C VAL B 414 -7.60 -49.52 -8.02
N ASP B 415 -8.27 -50.55 -7.48
CA ASP B 415 -8.23 -50.77 -6.03
C ASP B 415 -7.03 -51.64 -5.66
N ALA B 416 -6.85 -51.89 -4.37
CA ALA B 416 -5.73 -52.69 -3.88
C ALA B 416 -5.60 -54.05 -4.55
N GLU B 417 -6.70 -54.78 -4.66
CA GLU B 417 -6.68 -56.10 -5.28
C GLU B 417 -6.23 -56.05 -6.74
N GLY B 418 -6.65 -55.02 -7.44
CA GLY B 418 -6.24 -54.87 -8.83
C GLY B 418 -4.76 -54.60 -8.98
N MET B 419 -4.22 -53.76 -8.09
CA MET B 419 -2.79 -53.45 -8.12
C MET B 419 -2.01 -54.69 -7.71
N LYS B 420 -2.49 -55.41 -6.71
CA LYS B 420 -1.83 -56.61 -6.24
C LYS B 420 -1.90 -57.69 -7.30
N GLN B 421 -3.05 -57.76 -7.99
CA GLN B 421 -3.24 -58.73 -9.05
C GLN B 421 -2.19 -58.50 -10.13
N PHE B 422 -1.89 -57.23 -10.40
CA PHE B 422 -0.90 -56.87 -11.42
C PHE B 422 0.50 -57.29 -10.98
N ILE B 423 0.82 -57.04 -9.72
CA ILE B 423 2.14 -57.38 -9.19
C ILE B 423 2.40 -58.89 -9.27
N ASP B 424 1.38 -59.67 -8.94
CA ASP B 424 1.49 -61.13 -8.97
C ASP B 424 1.87 -61.65 -10.36
N GLY B 425 1.47 -60.90 -11.39
CA GLY B 425 1.77 -61.32 -12.75
C GLY B 425 3.13 -60.91 -13.28
N LEU B 426 3.91 -60.22 -12.46
CA LEU B 426 5.24 -59.77 -12.87
C LEU B 426 6.31 -60.83 -12.69
N ALA B 427 7.27 -60.85 -13.61
CA ALA B 427 8.37 -61.81 -13.56
C ALA B 427 9.50 -61.22 -12.72
N LEU B 428 9.26 -61.12 -11.42
CA LEU B 428 10.24 -60.57 -10.48
C LEU B 428 10.59 -61.59 -9.41
N PRO B 429 11.77 -61.45 -8.79
CA PRO B 429 12.14 -62.40 -7.75
C PRO B 429 11.09 -62.39 -6.65
N GLU B 430 10.79 -63.58 -6.11
CA GLU B 430 9.79 -63.73 -5.06
C GLU B 430 9.85 -62.66 -3.97
N GLU B 431 11.04 -62.41 -3.45
CA GLU B 431 11.25 -61.42 -2.39
C GLU B 431 10.72 -60.02 -2.75
N GLU B 432 11.11 -59.54 -3.92
CA GLU B 432 10.69 -58.21 -4.37
C GLU B 432 9.20 -58.20 -4.68
N LYS B 433 8.67 -59.37 -5.01
CA LYS B 433 7.26 -59.51 -5.33
C LYS B 433 6.43 -59.28 -4.07
N ALA B 434 6.90 -59.84 -2.95
CA ALA B 434 6.22 -59.69 -1.66
C ALA B 434 6.38 -58.28 -1.12
N ARG B 435 7.56 -57.70 -1.33
CA ARG B 435 7.83 -56.35 -0.88
C ARG B 435 6.82 -55.39 -1.51
N LEU B 436 6.52 -55.60 -2.78
CA LEU B 436 5.56 -54.76 -3.48
C LEU B 436 4.15 -54.94 -2.94
N LYS B 437 3.76 -56.19 -2.70
CA LYS B 437 2.43 -56.48 -2.18
C LYS B 437 2.30 -56.02 -0.73
N ALA B 438 3.43 -55.75 -0.09
CA ALA B 438 3.42 -55.30 1.29
C ALA B 438 3.22 -53.78 1.40
N MET B 439 3.50 -53.03 0.34
CA MET B 439 3.30 -51.59 0.46
C MET B 439 1.86 -51.16 0.26
N THR B 440 1.54 -50.02 0.85
CA THR B 440 0.21 -49.43 0.78
C THR B 440 0.45 -47.97 0.51
N PRO B 441 -0.59 -47.22 0.11
CA PRO B 441 -0.36 -45.80 -0.13
C PRO B 441 0.11 -45.13 1.16
N ALA B 442 -0.42 -45.59 2.29
CA ALA B 442 -0.07 -45.04 3.59
C ALA B 442 1.37 -45.26 4.01
N ASN B 443 2.00 -46.36 3.57
CA ASN B 443 3.38 -46.57 3.96
C ASN B 443 4.39 -46.27 2.86
N TYR B 444 3.89 -45.85 1.70
CA TYR B 444 4.78 -45.50 0.59
C TYR B 444 5.13 -44.02 0.76
N ILE B 445 5.83 -43.71 1.86
CA ILE B 445 6.19 -42.34 2.18
C ILE B 445 7.68 -42.03 2.05
N GLY B 446 8.43 -42.96 1.47
CA GLY B 446 9.84 -42.74 1.29
C GLY B 446 10.59 -42.36 2.57
N ARG B 447 11.44 -41.34 2.46
CA ARG B 447 12.27 -40.87 3.58
C ARG B 447 11.63 -39.73 4.38
N ALA B 448 10.34 -39.48 4.16
CA ALA B 448 9.62 -38.40 4.83
C ALA B 448 9.87 -38.26 6.34
N ILE B 449 9.76 -39.36 7.07
CA ILE B 449 9.94 -39.33 8.52
C ILE B 449 11.36 -38.98 8.95
N THR B 450 12.34 -39.65 8.36
CA THR B 450 13.73 -39.39 8.69
C THR B 450 14.07 -37.97 8.29
N MET B 451 13.48 -37.50 7.19
CA MET B 451 13.72 -36.14 6.73
C MET B 451 13.30 -35.16 7.83
N VAL B 452 12.16 -35.41 8.45
CA VAL B 452 11.70 -34.56 9.53
C VAL B 452 12.68 -34.63 10.69
N ASP B 453 13.06 -35.84 11.09
CA ASP B 453 13.97 -36.02 12.21
C ASP B 453 15.34 -35.37 12.02
N GLU B 454 15.79 -35.28 10.77
CA GLU B 454 17.09 -34.69 10.48
C GLU B 454 17.06 -33.17 10.30
N LEU B 455 15.88 -32.57 10.30
CA LEU B 455 15.79 -31.12 10.11
C LEU B 455 16.73 -30.36 11.03
N LYS B 456 16.76 -30.76 12.30
CA LYS B 456 17.60 -30.09 13.30
C LYS B 456 19.09 -30.04 12.95
N HIS B 457 19.53 -30.86 12.01
CA HIS B 457 20.95 -30.85 11.64
C HIS B 457 21.28 -29.80 10.60
N HIS B 458 20.27 -29.09 10.13
CA HIS B 458 20.46 -28.05 9.13
C HIS B 458 20.32 -26.68 9.76
N HIS B 459 21.08 -25.71 9.25
CA HIS B 459 21.06 -24.35 9.76
C HIS B 459 21.51 -24.34 11.22
PA 2SA C . 6.41 15.61 3.95
O1A 2SA C . 5.09 15.75 4.71
O2A 2SA C . 7.13 14.35 4.35
O3A 2SA C . 6.20 15.68 2.45
O5' 2SA C . 7.33 16.92 4.42
C5' 2SA C . 8.50 17.19 4.40
C4' 2SA C . 9.30 18.05 5.37
O4' 2SA C . 10.70 18.10 4.92
C1' 2SA C . 10.99 19.46 4.90
N9 2SA C . 12.12 19.70 4.00
C4 2SA C . 13.23 18.88 3.86
N3 2SA C . 13.48 17.69 4.51
C2 2SA C . 14.65 17.15 4.14
N1 2SA C . 15.55 17.63 3.25
C6 2SA C . 15.28 18.82 2.61
N6 2SA C . 16.24 19.43 1.77
C61 2SA C . 16.94 20.65 2.16
C62 2SA C . 17.32 21.19 0.79
C63 2SA C . 17.99 20.76 3.38
C64 2SA C . 17.75 20.88 4.82
O65 2SA C . 17.05 22.41 0.54
O66 2SA C . 17.89 20.40 -0.03
O67 2SA C . 16.61 21.09 5.26
O68 2SA C . 18.77 20.82 5.52
C5 2SA C . 14.04 19.50 2.91
N7 2SA C . 13.47 20.69 2.47
C8 2SA C . 12.35 20.76 3.13
C2' 2SA C . 9.79 20.23 4.48
O2' 2SA C . 9.92 21.62 4.71
C3' 2SA C . 8.77 19.48 5.35
O3' 2SA C . 8.74 19.98 6.67
PA 2SA D . -11.25 -9.70 9.26
O1A 2SA D . -10.54 -8.92 10.36
O2A 2SA D . -11.73 -8.80 8.14
O3A 2SA D . -10.36 -10.82 8.75
O5' 2SA D . -12.57 -10.36 9.94
C5' 2SA D . -13.49 -11.17 9.16
C4' 2SA D . -14.83 -11.12 9.84
O4' 2SA D . -15.88 -11.70 9.00
C1' 2SA D . -16.56 -12.70 9.74
N9 2SA D . -17.03 -13.80 8.88
C4 2SA D . -17.61 -13.67 7.64
N3 2SA D . -17.84 -12.51 6.95
C2 2SA D . -18.42 -12.75 5.75
N1 2SA D . -18.76 -13.96 5.22
C6 2SA D . -18.51 -15.11 5.95
N6 2SA D . -18.88 -16.54 5.52
C61 2SA D . -19.94 -17.13 6.05
C62 2SA D . -19.55 -18.56 5.55
C63 2SA D . -21.46 -17.16 6.41
C64 2SA D . -21.94 -15.83 6.95
O65 2SA D . -19.06 -19.33 6.39
O66 2SA D . -19.71 -18.91 4.35
O67 2SA D . -22.88 -15.27 6.30
O68 2SA D . -21.40 -15.29 7.96
C5 2SA D . -17.90 -14.97 7.23
N7 2SA D . -17.52 -15.90 8.19
C8 2SA D . -17.02 -15.17 9.14
C2' 2SA D . -15.55 -13.17 10.79
O2' 2SA D . -16.17 -13.90 11.82
C3' 2SA D . -14.88 -11.86 11.17
O3' 2SA D . -15.64 -11.12 12.14
#